data_5LBX
#
_entry.id   5LBX
#
_cell.length_a   93.498
_cell.length_b   93.498
_cell.length_c   231.203
_cell.angle_alpha   90.00
_cell.angle_beta   90.00
_cell.angle_gamma   120.00
#
_symmetry.space_group_name_H-M   'P 31 2 1'
#
loop_
_entity.id
_entity.type
_entity.pdbx_description
1 polymer 'Enoyl-[acyl-carrier-protein] reductase [NADPH, B-specific] 1, mitochondrial'
2 non-polymer 'NADP NICOTINAMIDE-ADENINE-DINUCLEOTIDE PHOSPHATE'
3 non-polymer 'SULFATE ION'
4 non-polymer 'CROTONYL COENZYME A'
5 non-polymer 'CHLORIDE ION'
6 water water
#
_entity_poly.entity_id   1
_entity_poly.type   'polypeptide(L)'
_entity_poly.pdbx_seq_one_letter_code
;MGHHHHHHHHHHSSGHIEGRHMITAQAVLYTQHGEPKDVLFTQSFEIDDDNLAPNEVIVKTLGSPVNPSDINQIQGVYPS
KPAKTTGFGTTEPAAPCGNEGLFEVIKVGSNVSSLEAGDWVIPSHVNFGTWRTHALGNDDDFIKLPNPAQSKANGKPNGL
TINQGATISVNPLVAYLMLTHYVKLTPGKDWFIQNGGTSAVGKYASQIGKLLNFNSISVIRDRPNLDEVVASLKELGATQ
VITEDQNNSREFGPTIKEWIKQSGGEAKLALNCVGGKSSTGIARKLNNNGLMLTYGGMSFQPVTIPTSLYIFKNFTSAGF
WVTELLKNNKELKTSTLNQIIAWYEEGKLTDAKSIETLYDGTKPLHELYQDGVANSKDGKQLITY
;
_entity_poly.pdbx_strand_id   A,B
#
loop_
_chem_comp.id
_chem_comp.type
_chem_comp.name
_chem_comp.formula
CL non-polymer 'CHLORIDE ION' 'Cl -1'
COO non-polymer 'CROTONYL COENZYME A' 'C25 H40 N7 O17 P3 S'
NAP non-polymer 'NADP NICOTINAMIDE-ADENINE-DINUCLEOTIDE PHOSPHATE' 'C21 H28 N7 O17 P3'
SO4 non-polymer 'SULFATE ION' 'O4 S -2'
#
# COMPACT_ATOMS: atom_id res chain seq x y z
N HIS A 21 21.47 15.65 -51.02
CA HIS A 21 20.26 16.19 -51.62
C HIS A 21 19.23 16.48 -50.51
N MET A 22 17.97 16.12 -50.74
CA MET A 22 16.89 16.36 -49.81
C MET A 22 16.20 15.04 -49.51
N ILE A 23 16.00 14.75 -48.24
CA ILE A 23 15.36 13.51 -47.80
C ILE A 23 13.89 13.78 -47.57
N THR A 24 13.04 12.93 -48.11
CA THR A 24 11.61 13.01 -47.86
C THR A 24 11.27 11.98 -46.79
N ALA A 25 10.65 12.44 -45.71
CA ALA A 25 10.34 11.61 -44.56
C ALA A 25 8.83 11.64 -44.29
N GLN A 26 8.38 10.74 -43.41
CA GLN A 26 6.97 10.64 -43.02
C GLN A 26 6.85 10.52 -41.50
N ALA A 27 5.84 11.17 -40.93
CA ALA A 27 5.62 11.09 -39.49
C ALA A 27 4.14 10.94 -39.16
N VAL A 28 3.86 10.18 -38.11
CA VAL A 28 2.49 9.98 -37.62
C VAL A 28 2.22 11.02 -36.55
N LEU A 29 1.23 11.89 -36.79
CA LEU A 29 0.93 13.02 -35.92
C LEU A 29 -0.54 13.05 -35.50
N TYR A 30 -0.87 13.96 -34.58
CA TYR A 30 -2.25 14.29 -34.25
C TYR A 30 -2.29 15.74 -33.75
N THR A 31 -3.39 16.43 -34.05
CA THR A 31 -3.57 17.81 -33.61
C THR A 31 -4.46 17.97 -32.39
N GLN A 32 -5.19 16.93 -31.99
CA GLN A 32 -5.89 16.91 -30.71
C GLN A 32 -5.95 15.46 -30.22
N HIS A 33 -6.15 15.31 -28.92
CA HIS A 33 -6.22 13.98 -28.33
C HIS A 33 -7.51 13.28 -28.74
N GLY A 34 -7.48 11.95 -28.67
CA GLY A 34 -8.61 11.14 -29.03
C GLY A 34 -8.19 9.69 -29.19
N GLU A 35 -9.10 8.90 -29.76
CA GLU A 35 -8.73 7.53 -30.07
C GLU A 35 -7.79 7.51 -31.26
N PRO A 36 -6.75 6.66 -31.23
CA PRO A 36 -5.83 6.59 -32.37
C PRO A 36 -6.54 6.31 -33.69
N LYS A 37 -7.61 5.51 -33.66
CA LYS A 37 -8.34 5.25 -34.90
C LYS A 37 -8.98 6.50 -35.49
N ASP A 38 -9.07 7.60 -34.74
CA ASP A 38 -9.75 8.80 -35.20
C ASP A 38 -8.84 10.00 -35.43
N VAL A 39 -7.72 10.14 -34.71
CA VAL A 39 -6.99 11.41 -34.67
C VAL A 39 -5.65 11.38 -35.39
N LEU A 40 -5.12 10.21 -35.73
CA LEU A 40 -3.79 10.09 -36.32
C LEU A 40 -3.82 10.37 -37.82
N PHE A 41 -2.71 10.89 -38.33
CA PHE A 41 -2.55 11.10 -39.77
C PHE A 41 -1.05 11.09 -40.11
N THR A 42 -0.76 10.94 -41.41
CA THR A 42 0.60 10.90 -41.91
C THR A 42 0.98 12.26 -42.50
N GLN A 43 2.14 12.77 -42.11
CA GLN A 43 2.62 14.06 -42.60
C GLN A 43 3.97 13.90 -43.26
N SER A 44 4.09 14.43 -44.48
CA SER A 44 5.34 14.47 -45.21
C SER A 44 6.12 15.72 -44.84
N PHE A 45 7.43 15.54 -44.67
CA PHE A 45 8.34 16.64 -44.39
C PHE A 45 9.70 16.27 -44.97
N GLU A 46 10.57 17.28 -45.07
CA GLU A 46 11.86 17.14 -45.72
C GLU A 46 12.99 17.54 -44.77
N ILE A 47 14.07 16.76 -44.82
CA ILE A 47 15.25 16.98 -43.98
C ILE A 47 16.41 17.31 -44.90
N ASP A 48 17.14 18.38 -44.59
CA ASP A 48 18.26 18.84 -45.39
C ASP A 48 19.55 18.27 -44.83
N ASP A 49 20.15 17.31 -45.54
CA ASP A 49 21.36 16.65 -45.05
C ASP A 49 22.63 17.47 -45.28
N ASP A 50 22.59 18.49 -46.14
CA ASP A 50 23.80 19.28 -46.43
C ASP A 50 23.98 20.47 -45.48
N ASN A 51 23.00 20.76 -44.63
CA ASN A 51 23.06 21.90 -43.70
C ASN A 51 22.75 21.42 -42.30
N LEU A 52 23.72 20.75 -41.70
CA LEU A 52 23.64 20.24 -40.35
C LEU A 52 24.45 21.12 -39.43
N ALA A 53 23.83 21.54 -38.33
CA ALA A 53 24.59 22.25 -37.33
C ALA A 53 25.68 21.34 -36.77
N PRO A 54 26.72 21.92 -36.18
CA PRO A 54 27.83 21.10 -35.69
C PRO A 54 27.43 19.92 -34.80
N ASN A 55 26.37 20.03 -34.01
CA ASN A 55 26.01 18.98 -33.05
C ASN A 55 24.75 18.20 -33.43
N GLU A 56 24.29 18.33 -34.67
CA GLU A 56 23.09 17.66 -35.10
C GLU A 56 23.44 16.31 -35.73
N VAL A 57 22.45 15.42 -35.74
CA VAL A 57 22.60 14.08 -36.32
C VAL A 57 21.29 13.71 -36.99
N ILE A 58 21.38 12.95 -38.07
CA ILE A 58 20.21 12.44 -38.78
C ILE A 58 20.16 10.93 -38.61
N VAL A 59 18.99 10.42 -38.24
CA VAL A 59 18.80 8.99 -38.05
C VAL A 59 17.66 8.51 -38.95
N LYS A 60 17.73 7.22 -39.31
CA LYS A 60 16.70 6.53 -40.09
C LYS A 60 16.15 5.41 -39.23
N THR A 61 14.82 5.34 -39.12
CA THR A 61 14.20 4.36 -38.23
C THR A 61 14.32 2.95 -38.78
N LEU A 62 14.65 2.01 -37.90
CA LEU A 62 14.65 0.58 -38.20
C LEU A 62 13.44 -0.15 -37.64
N GLY A 63 12.94 0.24 -36.47
CA GLY A 63 11.71 -0.33 -35.96
C GLY A 63 11.24 0.36 -34.70
N SER A 64 9.92 0.39 -34.51
CA SER A 64 9.37 0.99 -33.32
C SER A 64 8.08 0.28 -32.93
N PRO A 65 7.91 -0.05 -31.65
CA PRO A 65 6.75 -0.85 -31.24
C PRO A 65 5.55 0.01 -30.86
N VAL A 66 4.41 -0.67 -30.67
CA VAL A 66 3.18 -0.07 -30.14
C VAL A 66 3.03 -0.54 -28.71
N ASN A 67 3.18 0.38 -27.77
CA ASN A 67 3.10 0.08 -26.36
C ASN A 67 1.86 0.70 -25.74
N PRO A 68 1.37 0.16 -24.61
CA PRO A 68 0.17 0.74 -23.99
C PRO A 68 0.32 2.22 -23.63
N SER A 69 1.50 2.64 -23.20
CA SER A 69 1.67 4.05 -22.83
C SER A 69 1.57 4.98 -24.04
N ASP A 70 2.01 4.52 -25.23
CA ASP A 70 1.86 5.30 -26.45
C ASP A 70 0.41 5.60 -26.73
N ILE A 71 -0.48 4.63 -26.53
CA ILE A 71 -1.89 4.82 -26.80
C ILE A 71 -2.49 5.79 -25.79
N ASN A 72 -2.19 5.60 -24.50
CA ASN A 72 -2.70 6.50 -23.47
C ASN A 72 -2.28 7.93 -23.72
N GLN A 73 -1.04 8.13 -24.20
CA GLN A 73 -0.57 9.48 -24.52
C GLN A 73 -1.42 10.12 -25.62
N ILE A 74 -1.68 9.37 -26.70
CA ILE A 74 -2.53 9.90 -27.78
C ILE A 74 -3.93 10.21 -27.26
N GLN A 75 -4.43 9.40 -26.32
CA GLN A 75 -5.75 9.59 -25.76
C GLN A 75 -5.86 10.80 -24.84
N GLY A 76 -4.75 11.25 -24.26
CA GLY A 76 -4.78 12.37 -23.33
C GLY A 76 -4.91 12.00 -21.87
N VAL A 77 -4.69 10.74 -21.50
CA VAL A 77 -4.77 10.31 -20.12
C VAL A 77 -3.41 9.99 -19.51
N TYR A 78 -2.35 10.22 -20.23
CA TYR A 78 -0.99 10.01 -19.75
C TYR A 78 -0.36 11.36 -19.44
N PRO A 79 0.14 11.60 -18.22
CA PRO A 79 0.58 12.96 -17.87
C PRO A 79 1.98 13.32 -18.34
N SER A 80 2.52 12.61 -19.34
CA SER A 80 3.80 12.95 -19.94
C SER A 80 3.63 12.98 -21.45
N LYS A 81 3.71 14.18 -22.04
CA LYS A 81 3.34 14.38 -23.45
C LYS A 81 4.33 15.27 -24.20
N PRO A 82 4.61 14.97 -25.46
CA PRO A 82 5.35 15.92 -26.28
C PRO A 82 4.51 17.16 -26.59
N ALA A 83 5.19 18.29 -26.75
CA ALA A 83 4.51 19.53 -27.10
C ALA A 83 4.01 19.50 -28.54
N LYS A 84 2.95 20.26 -28.80
CA LYS A 84 2.45 20.40 -30.16
C LYS A 84 3.17 21.58 -30.83
N THR A 85 3.63 21.32 -32.05
CA THR A 85 4.44 22.25 -32.81
C THR A 85 3.96 22.28 -34.25
N THR A 86 4.39 23.32 -34.99
CA THR A 86 4.25 23.32 -36.44
C THR A 86 5.55 22.90 -37.13
N GLY A 87 6.47 22.28 -36.41
CA GLY A 87 7.78 22.01 -36.96
C GLY A 87 7.80 21.00 -38.10
N PHE A 88 6.75 20.21 -38.25
CA PHE A 88 6.67 19.26 -39.36
C PHE A 88 5.99 19.85 -40.58
N GLY A 89 5.71 21.15 -40.60
CA GLY A 89 5.12 21.79 -41.76
C GLY A 89 3.62 21.80 -41.79
N THR A 90 2.97 21.62 -40.64
CA THR A 90 1.52 21.70 -40.56
C THR A 90 1.10 23.13 -40.22
N THR A 91 -0.13 23.48 -40.60
CA THR A 91 -0.62 24.81 -40.25
C THR A 91 -1.11 24.89 -38.80
N GLU A 92 -1.62 23.82 -38.27
CA GLU A 92 -1.96 23.76 -36.85
C GLU A 92 -0.91 23.00 -36.06
N PRO A 93 -0.71 23.33 -34.78
CA PRO A 93 0.25 22.57 -33.96
C PRO A 93 -0.11 21.09 -33.88
N ALA A 94 0.89 20.23 -34.12
CA ALA A 94 0.69 18.79 -34.08
C ALA A 94 1.77 18.15 -33.24
N ALA A 95 1.42 17.02 -32.62
CA ALA A 95 2.34 16.27 -31.78
C ALA A 95 2.73 14.95 -32.45
N PRO A 96 3.96 14.48 -32.23
CA PRO A 96 4.36 13.15 -32.72
C PRO A 96 3.92 12.07 -31.75
N CYS A 97 4.19 10.81 -32.13
CA CYS A 97 3.75 9.64 -31.37
C CYS A 97 4.90 8.69 -31.12
N GLY A 98 4.80 7.94 -30.02
CA GLY A 98 5.74 6.87 -29.75
C GLY A 98 6.97 7.28 -28.97
N ASN A 99 7.33 6.49 -27.96
CA ASN A 99 8.42 6.85 -27.05
C ASN A 99 9.66 5.99 -27.19
N GLU A 100 9.57 4.78 -27.76
CA GLU A 100 10.76 3.98 -27.92
C GLU A 100 10.86 3.45 -29.35
N GLY A 101 12.09 3.15 -29.75
CA GLY A 101 12.37 2.70 -31.09
C GLY A 101 13.87 2.58 -31.29
N LEU A 102 14.23 1.91 -32.39
CA LEU A 102 15.61 1.65 -32.76
C LEU A 102 15.91 2.40 -34.05
N PHE A 103 17.03 3.13 -34.09
CA PHE A 103 17.39 3.95 -35.25
C PHE A 103 18.83 3.69 -35.69
N GLU A 104 19.10 4.05 -36.94
CA GLU A 104 20.44 3.96 -37.54
C GLU A 104 20.92 5.34 -37.98
N VAL A 105 22.15 5.69 -37.60
CA VAL A 105 22.71 7.03 -37.85
C VAL A 105 23.06 7.18 -39.33
N ILE A 106 22.51 8.20 -39.96
CA ILE A 106 22.79 8.49 -41.37
C ILE A 106 23.96 9.45 -41.53
N LYS A 107 23.97 10.52 -40.74
CA LYS A 107 25.01 11.53 -40.87
C LYS A 107 25.14 12.31 -39.58
N VAL A 108 26.36 12.80 -39.33
CA VAL A 108 26.65 13.57 -38.12
C VAL A 108 27.26 14.90 -38.54
N GLY A 109 27.15 15.89 -37.63
CA GLY A 109 27.70 17.21 -37.86
C GLY A 109 29.20 17.25 -37.62
N SER A 110 29.79 18.40 -37.90
CA SER A 110 31.26 18.56 -37.81
C SER A 110 31.77 18.26 -36.41
N ASN A 111 31.02 18.62 -35.38
CA ASN A 111 31.51 18.56 -34.01
C ASN A 111 31.02 17.34 -33.24
N VAL A 112 30.32 16.40 -33.89
CA VAL A 112 29.88 15.18 -33.22
C VAL A 112 31.01 14.16 -33.23
N SER A 113 31.32 13.62 -32.05
CA SER A 113 32.31 12.56 -31.92
C SER A 113 31.77 11.30 -31.25
N SER A 114 30.65 11.35 -30.55
CA SER A 114 30.15 10.18 -29.85
C SER A 114 29.35 9.23 -30.75
N LEU A 115 29.09 9.61 -32.00
CA LEU A 115 28.37 8.78 -32.94
C LEU A 115 28.97 8.95 -34.33
N GLU A 116 28.72 7.96 -35.18
CA GLU A 116 29.15 8.01 -36.56
C GLU A 116 28.10 7.28 -37.39
N ALA A 117 28.20 7.43 -38.71
CA ALA A 117 27.26 6.76 -39.58
C ALA A 117 27.32 5.25 -39.36
N GLY A 118 26.15 4.62 -39.30
CA GLY A 118 26.02 3.19 -39.12
C GLY A 118 25.71 2.74 -37.71
N ASP A 119 25.85 3.62 -36.72
CA ASP A 119 25.59 3.23 -35.34
C ASP A 119 24.10 2.99 -35.10
N TRP A 120 23.81 2.12 -34.14
CA TRP A 120 22.46 1.89 -33.65
C TRP A 120 22.24 2.72 -32.39
N VAL A 121 21.07 3.37 -32.31
CA VAL A 121 20.74 4.25 -31.18
C VAL A 121 19.28 4.12 -30.79
N ILE A 122 19.00 4.48 -29.54
CA ILE A 122 17.65 4.66 -29.03
C ILE A 122 17.52 6.06 -28.49
N PRO A 123 16.31 6.56 -28.28
CA PRO A 123 16.15 7.87 -27.65
C PRO A 123 16.65 7.84 -26.21
N SER A 124 17.29 8.93 -25.81
CA SER A 124 17.77 9.08 -24.44
C SER A 124 16.71 9.65 -23.53
N HIS A 125 15.64 10.21 -24.08
CA HIS A 125 14.58 10.82 -23.28
C HIS A 125 13.23 10.39 -23.84
N VAL A 126 12.19 10.55 -23.04
CA VAL A 126 10.84 10.22 -23.48
C VAL A 126 10.30 11.34 -24.36
N ASN A 127 9.15 11.09 -25.01
CA ASN A 127 8.43 12.06 -25.83
C ASN A 127 9.21 12.50 -27.07
N PHE A 128 10.08 11.64 -27.60
CA PHE A 128 10.84 11.99 -28.78
C PHE A 128 10.01 11.85 -30.05
N GLY A 129 9.12 10.88 -30.11
CA GLY A 129 8.37 10.61 -31.32
C GLY A 129 9.08 9.59 -32.19
N THR A 130 8.63 8.35 -32.13
CA THR A 130 9.32 7.26 -32.81
C THR A 130 8.49 6.63 -33.93
N TRP A 131 7.24 7.03 -34.12
CA TRP A 131 6.42 6.53 -35.22
C TRP A 131 6.68 7.39 -36.45
N ARG A 132 7.84 7.17 -37.08
CA ARG A 132 8.24 7.94 -38.25
C ARG A 132 9.45 7.28 -38.92
N THR A 133 9.71 7.71 -40.16
CA THR A 133 10.78 7.13 -40.98
C THR A 133 12.17 7.69 -40.66
N HIS A 134 12.25 8.97 -40.26
CA HIS A 134 13.51 9.65 -40.00
C HIS A 134 13.33 10.69 -38.91
N ALA A 135 14.46 11.13 -38.36
CA ALA A 135 14.46 12.18 -37.35
C ALA A 135 15.76 12.98 -37.44
N LEU A 136 15.66 14.26 -37.12
CA LEU A 136 16.79 15.18 -36.97
C LEU A 136 16.87 15.57 -35.51
N GLY A 137 18.04 15.36 -34.88
CA GLY A 137 18.22 15.68 -33.49
C GLY A 137 19.66 16.06 -33.18
N ASN A 138 19.92 16.32 -31.90
CA ASN A 138 21.28 16.51 -31.41
C ASN A 138 21.89 15.18 -30.98
N ASP A 139 23.22 15.15 -30.89
CA ASP A 139 23.91 13.94 -30.48
C ASP A 139 23.42 13.46 -29.11
N ASP A 140 23.15 14.39 -28.20
CA ASP A 140 22.74 14.06 -26.85
C ASP A 140 21.29 13.62 -26.72
N ASP A 141 20.50 13.63 -27.81
CA ASP A 141 19.16 13.04 -27.79
C ASP A 141 19.16 11.52 -27.91
N PHE A 142 20.32 10.89 -28.05
CA PHE A 142 20.39 9.47 -28.36
C PHE A 142 21.37 8.77 -27.41
N ILE A 143 21.14 7.47 -27.25
CA ILE A 143 22.05 6.56 -26.57
C ILE A 143 22.47 5.50 -27.58
N LYS A 144 23.78 5.27 -27.68
CA LYS A 144 24.33 4.29 -28.61
C LYS A 144 24.25 2.88 -28.04
N LEU A 145 23.80 1.94 -28.86
CA LEU A 145 23.85 0.51 -28.62
C LEU A 145 24.90 -0.14 -29.52
N PRO A 146 25.54 -1.24 -29.10
CA PRO A 146 26.38 -1.99 -30.06
C PRO A 146 25.50 -2.66 -31.10
N ASN A 147 25.85 -2.47 -32.37
CA ASN A 147 25.19 -3.20 -33.45
C ASN A 147 25.91 -4.52 -33.71
N PRO A 148 25.30 -5.41 -34.51
CA PRO A 148 25.88 -6.74 -34.69
C PRO A 148 27.27 -6.73 -35.30
N ALA A 149 27.59 -5.78 -36.17
CA ALA A 149 28.94 -5.72 -36.71
C ALA A 149 29.97 -5.43 -35.61
N GLN A 150 29.60 -4.58 -34.65
CA GLN A 150 30.50 -4.23 -33.56
C GLN A 150 30.57 -5.34 -32.52
N SER A 151 29.45 -6.00 -32.22
CA SER A 151 29.52 -7.15 -31.32
C SER A 151 30.48 -8.20 -31.87
N LYS A 152 30.42 -8.43 -33.19
CA LYS A 152 31.28 -9.45 -33.79
C LYS A 152 32.74 -9.03 -33.78
N ALA A 153 33.03 -7.75 -34.06
CA ALA A 153 34.42 -7.30 -34.05
C ALA A 153 35.03 -7.28 -32.65
N ASN A 154 34.20 -7.06 -31.63
CA ASN A 154 34.63 -7.08 -30.23
C ASN A 154 34.65 -8.50 -29.63
N GLY A 155 34.40 -9.52 -30.43
CA GLY A 155 34.48 -10.89 -29.95
C GLY A 155 33.28 -11.40 -29.19
N LYS A 156 32.13 -10.73 -29.23
CA LYS A 156 31.00 -11.23 -28.45
C LYS A 156 30.28 -12.36 -29.19
N PRO A 157 29.77 -13.35 -28.49
CA PRO A 157 29.09 -14.47 -29.17
C PRO A 157 27.81 -14.08 -29.88
N ASN A 158 27.06 -13.07 -29.45
CA ASN A 158 25.80 -12.70 -30.09
C ASN A 158 25.68 -11.20 -30.28
N GLY A 159 24.92 -10.80 -31.29
CA GLY A 159 24.57 -9.40 -31.48
C GLY A 159 23.07 -9.16 -31.46
N LEU A 160 22.65 -7.93 -31.21
CA LEU A 160 21.24 -7.66 -31.06
C LEU A 160 20.48 -7.87 -32.37
N THR A 161 19.21 -8.24 -32.24
CA THR A 161 18.28 -8.23 -33.36
C THR A 161 17.54 -6.89 -33.39
N ILE A 162 16.80 -6.64 -34.47
CA ILE A 162 16.04 -5.40 -34.59
C ILE A 162 15.03 -5.33 -33.47
N ASN A 163 14.32 -6.44 -33.24
CA ASN A 163 13.28 -6.42 -32.21
C ASN A 163 13.89 -6.24 -30.83
N GLN A 164 15.07 -6.82 -30.59
CA GLN A 164 15.67 -6.67 -29.27
C GLN A 164 16.09 -5.23 -29.02
N GLY A 165 16.63 -4.57 -30.04
CA GLY A 165 17.03 -3.19 -29.88
C GLY A 165 15.84 -2.26 -29.73
N ALA A 166 14.78 -2.48 -30.52
CA ALA A 166 13.65 -1.55 -30.53
C ALA A 166 12.80 -1.63 -29.26
N THR A 167 12.95 -2.69 -28.45
CA THR A 167 12.19 -2.82 -27.20
C THR A 167 13.08 -2.88 -25.96
N ILE A 168 14.35 -2.52 -26.05
CA ILE A 168 15.24 -2.70 -24.91
C ILE A 168 15.06 -1.63 -23.83
N SER A 169 14.58 -0.44 -24.18
CA SER A 169 14.71 0.68 -23.26
C SER A 169 13.59 0.76 -22.23
N VAL A 170 12.53 -0.02 -22.36
CA VAL A 170 11.45 0.04 -21.37
C VAL A 170 11.26 -1.30 -20.66
N ASN A 171 10.58 -2.26 -21.30
CA ASN A 171 10.12 -3.44 -20.59
C ASN A 171 11.24 -4.23 -19.88
N PRO A 172 12.43 -4.44 -20.46
CA PRO A 172 13.49 -5.14 -19.70
C PRO A 172 13.92 -4.38 -18.44
N LEU A 173 14.00 -3.05 -18.51
CA LEU A 173 14.38 -2.27 -17.32
C LEU A 173 13.29 -2.27 -16.26
N VAL A 174 12.03 -2.23 -16.69
CA VAL A 174 10.92 -2.30 -15.73
C VAL A 174 11.03 -3.56 -14.88
N ALA A 175 11.18 -4.71 -15.53
CA ALA A 175 11.26 -5.97 -14.82
C ALA A 175 12.45 -5.99 -13.87
N TYR A 176 13.60 -5.54 -14.35
CA TYR A 176 14.81 -5.60 -13.53
C TYR A 176 14.64 -4.75 -12.28
N LEU A 177 14.17 -3.50 -12.44
CA LEU A 177 14.12 -2.60 -11.30
C LEU A 177 13.04 -2.99 -10.29
N MET A 178 11.88 -3.49 -10.75
CA MET A 178 10.89 -3.96 -9.78
C MET A 178 11.42 -5.13 -8.92
N LEU A 179 12.27 -6.00 -9.49
CA LEU A 179 12.75 -7.16 -8.75
C LEU A 179 13.93 -6.87 -7.83
N THR A 180 14.72 -5.80 -8.06
CA THR A 180 15.93 -5.59 -7.27
C THR A 180 15.95 -4.30 -6.46
N HIS A 181 15.08 -3.33 -6.75
CA HIS A 181 15.23 -1.99 -6.19
C HIS A 181 14.37 -1.73 -4.95
N TYR A 182 13.48 -2.65 -4.57
CA TYR A 182 12.53 -2.39 -3.49
C TYR A 182 12.59 -3.40 -2.35
N VAL A 183 12.71 -4.68 -2.64
CA VAL A 183 12.84 -5.72 -1.63
C VAL A 183 14.00 -6.62 -2.01
N LYS A 184 14.81 -7.00 -1.03
CA LYS A 184 15.93 -7.91 -1.25
C LYS A 184 15.44 -9.34 -1.10
N LEU A 185 15.37 -10.07 -2.22
CA LEU A 185 15.01 -11.48 -2.19
C LEU A 185 16.27 -12.32 -2.06
N THR A 186 16.26 -13.25 -1.11
CA THR A 186 17.40 -14.15 -0.87
C THR A 186 17.53 -15.17 -1.99
N PRO A 187 18.66 -15.19 -2.71
CA PRO A 187 18.81 -16.15 -3.82
C PRO A 187 18.67 -17.58 -3.33
N GLY A 188 17.97 -18.39 -4.12
CA GLY A 188 17.75 -19.78 -3.84
C GLY A 188 16.63 -20.08 -2.87
N LYS A 189 16.00 -19.06 -2.27
CA LYS A 189 14.94 -19.31 -1.30
C LYS A 189 13.65 -18.51 -1.56
N ASP A 190 13.74 -17.18 -1.61
CA ASP A 190 12.57 -16.34 -1.60
C ASP A 190 11.81 -16.36 -2.94
N TRP A 191 10.54 -15.95 -2.87
CA TRP A 191 9.62 -15.96 -4.01
C TRP A 191 9.09 -14.57 -4.32
N PHE A 192 8.74 -14.37 -5.59
CA PHE A 192 7.83 -13.31 -6.00
C PHE A 192 6.71 -13.93 -6.82
N ILE A 193 5.59 -13.23 -6.88
CA ILE A 193 4.41 -13.69 -7.62
C ILE A 193 3.92 -12.56 -8.53
N GLN A 194 3.52 -12.91 -9.75
CA GLN A 194 3.12 -11.89 -10.72
C GLN A 194 1.92 -12.34 -11.51
N ASN A 195 1.00 -11.41 -11.75
CA ASN A 195 -0.06 -11.61 -12.72
C ASN A 195 0.40 -10.99 -14.04
N GLY A 196 -0.44 -11.11 -15.06
CA GLY A 196 0.02 -10.76 -16.40
C GLY A 196 1.19 -11.61 -16.88
N GLY A 197 1.17 -12.91 -16.54
CA GLY A 197 2.32 -13.76 -16.76
C GLY A 197 2.77 -13.90 -18.20
N THR A 198 1.83 -13.75 -19.17
CA THR A 198 2.16 -13.84 -20.59
C THR A 198 2.55 -12.50 -21.22
N SER A 199 2.55 -11.40 -20.47
CA SER A 199 2.94 -10.11 -21.01
C SER A 199 4.43 -10.10 -21.34
N ALA A 200 4.84 -9.13 -22.16
CA ALA A 200 6.27 -8.93 -22.41
C ALA A 200 7.04 -8.65 -21.12
N VAL A 201 6.49 -7.78 -20.25
CA VAL A 201 7.15 -7.50 -18.98
C VAL A 201 7.20 -8.76 -18.12
N GLY A 202 6.09 -9.52 -18.07
CA GLY A 202 6.09 -10.75 -17.30
C GLY A 202 7.16 -11.75 -17.74
N LYS A 203 7.41 -11.81 -19.05
CA LYS A 203 8.38 -12.76 -19.57
C LYS A 203 9.82 -12.33 -19.26
N TYR A 204 10.10 -11.03 -19.30
CA TYR A 204 11.42 -10.58 -18.86
C TYR A 204 11.59 -10.85 -17.37
N ALA A 205 10.53 -10.69 -16.58
CA ALA A 205 10.63 -10.94 -15.15
C ALA A 205 10.97 -12.40 -14.85
N SER A 206 10.38 -13.34 -15.59
CA SER A 206 10.69 -14.75 -15.34
C SER A 206 12.15 -15.06 -15.64
N GLN A 207 12.66 -14.51 -16.75
CA GLN A 207 14.04 -14.75 -17.14
C GLN A 207 15.02 -14.16 -16.13
N ILE A 208 14.72 -12.96 -15.64
CA ILE A 208 15.61 -12.35 -14.65
C ILE A 208 15.54 -13.12 -13.34
N GLY A 209 14.34 -13.60 -12.96
CA GLY A 209 14.24 -14.46 -11.81
C GLY A 209 15.14 -15.69 -11.90
N LYS A 210 15.19 -16.32 -13.07
CA LYS A 210 16.07 -17.47 -13.22
C LYS A 210 17.54 -17.05 -13.14
N LEU A 211 17.90 -15.93 -13.77
CA LEU A 211 19.30 -15.51 -13.81
C LEU A 211 19.82 -15.07 -12.44
N LEU A 212 18.94 -14.59 -11.56
CA LEU A 212 19.30 -14.19 -10.21
C LEU A 212 18.95 -15.24 -9.17
N ASN A 213 18.36 -16.36 -9.59
CA ASN A 213 18.01 -17.48 -8.72
C ASN A 213 16.93 -17.08 -7.71
N PHE A 214 15.86 -16.45 -8.22
CA PHE A 214 14.66 -16.20 -7.44
C PHE A 214 13.59 -17.20 -7.88
N ASN A 215 12.80 -17.67 -6.92
CA ASN A 215 11.64 -18.50 -7.24
C ASN A 215 10.46 -17.59 -7.60
N SER A 216 9.53 -18.11 -8.42
CA SER A 216 8.42 -17.27 -8.83
C SER A 216 7.20 -18.08 -9.25
N ILE A 217 6.03 -17.47 -9.04
CA ILE A 217 4.74 -17.96 -9.53
C ILE A 217 4.17 -16.96 -10.53
N SER A 218 3.78 -17.45 -11.72
CA SER A 218 3.11 -16.65 -12.74
C SER A 218 1.64 -17.02 -12.84
N VAL A 219 0.79 -16.00 -12.82
CA VAL A 219 -0.65 -16.16 -12.96
C VAL A 219 -1.03 -15.71 -14.37
N ILE A 220 -1.72 -16.59 -15.10
CA ILE A 220 -2.17 -16.32 -16.46
C ILE A 220 -3.65 -16.65 -16.59
N ARG A 221 -4.27 -16.14 -17.65
CA ARG A 221 -5.61 -16.54 -18.00
C ARG A 221 -5.59 -17.86 -18.76
N ASP A 222 -6.64 -18.67 -18.54
CA ASP A 222 -6.77 -19.97 -19.18
C ASP A 222 -6.86 -19.82 -20.71
N ARG A 223 -6.51 -20.91 -21.42
CA ARG A 223 -6.45 -20.95 -22.87
C ARG A 223 -6.65 -22.39 -23.31
N PRO A 224 -6.97 -22.62 -24.60
CA PRO A 224 -7.07 -24.01 -25.08
C PRO A 224 -5.72 -24.72 -25.04
N ASN A 225 -4.66 -24.02 -25.44
CA ASN A 225 -3.30 -24.57 -25.42
C ASN A 225 -2.58 -24.24 -24.12
N LEU A 226 -3.25 -24.45 -22.98
CA LEU A 226 -2.66 -24.04 -21.71
C LEU A 226 -1.34 -24.78 -21.44
N ASP A 227 -1.28 -26.07 -21.77
CA ASP A 227 -0.12 -26.88 -21.41
C ASP A 227 1.12 -26.41 -22.15
N GLU A 228 0.97 -26.02 -23.42
CA GLU A 228 2.11 -25.53 -24.18
C GLU A 228 2.58 -24.18 -23.68
N VAL A 229 1.65 -23.35 -23.20
CA VAL A 229 2.01 -22.04 -22.66
C VAL A 229 2.74 -22.22 -21.35
N VAL A 230 2.26 -23.14 -20.49
CA VAL A 230 2.95 -23.40 -19.24
C VAL A 230 4.38 -23.86 -19.50
N ALA A 231 4.59 -24.73 -20.50
CA ALA A 231 5.93 -25.20 -20.79
C ALA A 231 6.83 -24.05 -21.23
N SER A 232 6.30 -23.14 -22.04
CA SER A 232 7.10 -22.02 -22.50
C SER A 232 7.51 -21.12 -21.34
N LEU A 233 6.58 -20.83 -20.42
CA LEU A 233 6.93 -19.96 -19.31
C LEU A 233 7.92 -20.62 -18.35
N LYS A 234 7.78 -21.94 -18.13
CA LYS A 234 8.77 -22.62 -17.30
C LYS A 234 10.15 -22.61 -17.96
N GLU A 235 10.18 -22.78 -19.29
CA GLU A 235 11.45 -22.69 -20.00
C GLU A 235 12.08 -21.30 -19.84
N LEU A 236 11.26 -20.23 -19.84
CA LEU A 236 11.79 -18.89 -19.64
C LEU A 236 12.33 -18.71 -18.22
N GLY A 237 11.69 -19.30 -17.22
CA GLY A 237 12.19 -19.23 -15.85
C GLY A 237 11.20 -19.23 -14.69
N ALA A 238 9.89 -19.27 -14.96
CA ALA A 238 8.93 -19.34 -13.86
C ALA A 238 9.03 -20.70 -13.14
N THR A 239 8.91 -20.68 -11.81
CA THR A 239 8.98 -21.93 -11.05
C THR A 239 7.64 -22.68 -11.10
N GLN A 240 6.53 -21.97 -10.96
CA GLN A 240 5.19 -22.51 -11.10
C GLN A 240 4.34 -21.56 -11.92
N VAL A 241 3.34 -22.11 -12.62
CA VAL A 241 2.40 -21.32 -13.42
C VAL A 241 0.98 -21.77 -13.05
N ILE A 242 0.11 -20.81 -12.67
CA ILE A 242 -1.27 -21.12 -12.30
C ILE A 242 -2.23 -20.24 -13.11
N THR A 243 -3.47 -20.71 -13.24
CA THR A 243 -4.53 -19.96 -13.90
C THR A 243 -5.21 -19.00 -12.91
N GLU A 244 -5.97 -18.05 -13.45
CA GLU A 244 -6.70 -17.12 -12.59
C GLU A 244 -7.75 -17.82 -11.75
N ASP A 245 -8.28 -18.95 -12.22
CA ASP A 245 -9.24 -19.70 -11.41
C ASP A 245 -8.57 -20.28 -10.16
N GLN A 246 -7.41 -20.91 -10.34
CA GLN A 246 -6.66 -21.38 -9.17
C GLN A 246 -6.23 -20.23 -8.27
N ASN A 247 -5.93 -19.07 -8.85
CA ASN A 247 -5.61 -17.89 -8.04
C ASN A 247 -6.79 -17.50 -7.16
N ASN A 248 -8.02 -17.71 -7.64
CA ASN A 248 -9.21 -17.35 -6.88
C ASN A 248 -9.69 -18.43 -5.92
N SER A 249 -9.11 -19.62 -5.97
CA SER A 249 -9.70 -20.79 -5.32
C SER A 249 -9.29 -20.90 -3.84
N ARG A 250 -10.30 -20.99 -2.96
CA ARG A 250 -10.04 -21.23 -1.55
C ARG A 250 -9.41 -22.60 -1.34
N GLU A 251 -9.80 -23.58 -2.14
CA GLU A 251 -9.36 -24.95 -1.99
C GLU A 251 -7.94 -25.16 -2.49
N PHE A 252 -7.54 -24.44 -3.53
CA PHE A 252 -6.18 -24.57 -4.05
C PHE A 252 -5.15 -23.81 -3.21
N GLY A 253 -5.60 -22.88 -2.36
CA GLY A 253 -4.71 -22.08 -1.53
C GLY A 253 -3.61 -22.86 -0.83
N PRO A 254 -4.00 -23.87 -0.05
CA PRO A 254 -3.02 -24.67 0.69
C PRO A 254 -1.86 -25.21 -0.15
N THR A 255 -2.11 -25.54 -1.43
CA THR A 255 -1.06 -26.07 -2.29
C THR A 255 -0.02 -25.00 -2.63
N ILE A 256 -0.43 -23.74 -2.75
CA ILE A 256 0.53 -22.65 -2.98
C ILE A 256 1.34 -22.37 -1.73
N LYS A 257 0.72 -22.39 -0.55
CA LYS A 257 1.50 -22.21 0.68
C LYS A 257 2.58 -23.28 0.86
N GLU A 258 2.33 -24.52 0.43
CA GLU A 258 3.32 -25.59 0.61
C GLU A 258 4.53 -25.39 -0.30
N TRP A 259 4.30 -25.02 -1.56
CA TRP A 259 5.41 -24.67 -2.45
C TRP A 259 6.40 -23.73 -1.77
N ILE A 260 5.87 -22.70 -1.11
CA ILE A 260 6.71 -21.68 -0.49
C ILE A 260 7.33 -22.18 0.80
N LYS A 261 6.54 -22.81 1.66
CA LYS A 261 7.05 -23.26 2.95
C LYS A 261 8.13 -24.32 2.80
N GLN A 262 7.99 -25.22 1.81
CA GLN A 262 8.95 -26.31 1.63
C GLN A 262 10.26 -25.82 1.03
N SER A 263 10.26 -24.64 0.42
CA SER A 263 11.46 -24.07 -0.19
C SER A 263 12.43 -23.50 0.84
N GLY A 264 11.98 -23.24 2.07
CA GLY A 264 12.76 -22.52 3.05
C GLY A 264 12.69 -21.01 2.95
N GLY A 265 11.99 -20.48 1.95
CA GLY A 265 11.90 -19.05 1.75
C GLY A 265 10.51 -18.50 2.05
N GLU A 266 10.32 -17.25 1.63
CA GLU A 266 9.06 -16.56 1.84
C GLU A 266 8.67 -15.84 0.56
N ALA A 267 7.37 -15.61 0.42
CA ALA A 267 6.84 -14.80 -0.66
C ALA A 267 6.81 -13.36 -0.18
N LYS A 268 7.71 -12.54 -0.70
CA LYS A 268 7.87 -11.17 -0.21
C LYS A 268 7.36 -10.10 -1.17
N LEU A 269 7.24 -10.41 -2.46
CA LEU A 269 7.00 -9.39 -3.47
C LEU A 269 5.94 -9.87 -4.45
N ALA A 270 4.96 -9.01 -4.72
CA ALA A 270 3.91 -9.28 -5.69
C ALA A 270 3.90 -8.16 -6.73
N LEU A 271 3.78 -8.53 -8.00
CA LEU A 271 3.78 -7.59 -9.12
C LEU A 271 2.43 -7.62 -9.83
N ASN A 272 1.73 -6.47 -9.87
CA ASN A 272 0.36 -6.40 -10.38
C ASN A 272 0.29 -5.44 -11.57
N CYS A 273 -0.18 -5.96 -12.72
CA CYS A 273 -0.49 -5.08 -13.86
C CYS A 273 -1.90 -5.32 -14.38
N VAL A 274 -2.76 -5.96 -13.59
CA VAL A 274 -4.11 -6.33 -14.01
C VAL A 274 -5.16 -5.53 -13.25
N GLY A 275 -5.07 -5.50 -11.93
CA GLY A 275 -6.10 -4.93 -11.09
C GLY A 275 -7.20 -5.94 -10.77
N GLY A 276 -8.23 -5.45 -10.09
CA GLY A 276 -9.42 -6.27 -9.85
C GLY A 276 -9.17 -7.49 -8.97
N LYS A 277 -9.93 -8.56 -9.24
CA LYS A 277 -9.82 -9.80 -8.46
C LYS A 277 -8.41 -10.37 -8.52
N SER A 278 -7.74 -10.21 -9.66
CA SER A 278 -6.38 -10.72 -9.82
C SER A 278 -5.42 -10.12 -8.79
N SER A 279 -5.49 -8.81 -8.55
CA SER A 279 -4.60 -8.17 -7.56
C SER A 279 -4.93 -8.61 -6.13
N THR A 280 -6.21 -8.82 -5.82
CA THR A 280 -6.55 -9.38 -4.50
C THR A 280 -5.95 -10.76 -4.37
N GLY A 281 -6.01 -11.56 -5.44
CA GLY A 281 -5.56 -12.94 -5.36
C GLY A 281 -4.08 -13.05 -5.04
N ILE A 282 -3.23 -12.29 -5.74
CA ILE A 282 -1.79 -12.43 -5.50
C ILE A 282 -1.39 -11.77 -4.18
N ALA A 283 -2.15 -10.79 -3.68
CA ALA A 283 -1.82 -10.21 -2.38
C ALA A 283 -2.04 -11.20 -1.25
N ARG A 284 -3.11 -12.00 -1.35
CA ARG A 284 -3.40 -13.00 -0.33
C ARG A 284 -2.30 -14.05 -0.21
N LYS A 285 -1.51 -14.26 -1.25
CA LYS A 285 -0.49 -15.31 -1.23
C LYS A 285 0.82 -14.90 -0.56
N LEU A 286 0.99 -13.63 -0.19
CA LEU A 286 2.24 -13.21 0.41
C LEU A 286 2.33 -13.63 1.88
N ASN A 287 3.56 -13.82 2.35
CA ASN A 287 3.80 -13.92 3.78
C ASN A 287 3.59 -12.56 4.44
N ASN A 288 3.66 -12.53 5.77
CA ASN A 288 3.52 -11.27 6.49
C ASN A 288 4.59 -10.28 6.05
N ASN A 289 4.27 -8.99 6.13
CA ASN A 289 5.18 -7.92 5.70
C ASN A 289 5.47 -7.98 4.21
N GLY A 290 4.49 -8.40 3.41
CA GLY A 290 4.67 -8.48 1.98
C GLY A 290 4.51 -7.13 1.32
N LEU A 291 5.00 -7.03 0.08
CA LEU A 291 4.91 -5.78 -0.67
C LEU A 291 4.35 -6.06 -2.06
N MET A 292 3.44 -5.18 -2.51
CA MET A 292 2.88 -5.26 -3.85
C MET A 292 3.20 -3.98 -4.59
N LEU A 293 3.71 -4.12 -5.82
CA LEU A 293 3.96 -3.00 -6.72
C LEU A 293 2.96 -3.07 -7.87
N THR A 294 2.14 -2.04 -7.99
CA THR A 294 1.22 -1.90 -9.11
C THR A 294 1.91 -1.07 -10.19
N TYR A 295 2.05 -1.66 -11.37
CA TYR A 295 2.66 -0.99 -12.51
C TYR A 295 1.77 -0.99 -13.75
N GLY A 296 0.53 -1.50 -13.65
CA GLY A 296 -0.37 -1.53 -14.80
C GLY A 296 -1.79 -1.78 -14.35
N GLY A 297 -2.74 -1.55 -15.28
CA GLY A 297 -4.14 -1.79 -14.98
C GLY A 297 -4.93 -2.30 -16.15
N MET A 298 -4.50 -3.44 -16.71
CA MET A 298 -5.09 -3.96 -17.96
C MET A 298 -6.59 -4.27 -17.84
N SER A 299 -7.10 -4.59 -16.65
CA SER A 299 -8.51 -4.94 -16.52
C SER A 299 -9.43 -3.72 -16.37
N PHE A 300 -8.87 -2.52 -16.22
CA PHE A 300 -9.59 -1.26 -15.96
C PHE A 300 -10.34 -1.27 -14.64
N GLN A 301 -10.07 -2.25 -13.79
CA GLN A 301 -10.61 -2.33 -12.44
C GLN A 301 -9.60 -1.79 -11.44
N PRO A 302 -10.07 -1.14 -10.38
CA PRO A 302 -9.13 -0.66 -9.34
C PRO A 302 -8.52 -1.81 -8.56
N VAL A 303 -7.55 -1.46 -7.74
CA VAL A 303 -6.91 -2.40 -6.83
C VAL A 303 -7.80 -2.54 -5.60
N THR A 304 -8.09 -3.78 -5.18
CA THR A 304 -9.00 -4.03 -4.08
C THR A 304 -8.36 -4.94 -3.05
N ILE A 305 -8.20 -4.45 -1.83
CA ILE A 305 -7.50 -5.20 -0.79
C ILE A 305 -8.38 -5.34 0.45
N PRO A 306 -8.60 -6.55 0.94
CA PRO A 306 -9.37 -6.70 2.17
C PRO A 306 -8.68 -6.03 3.35
N THR A 307 -9.48 -5.41 4.22
CA THR A 307 -8.94 -4.72 5.39
C THR A 307 -8.06 -5.64 6.25
N SER A 308 -8.37 -6.93 6.34
CA SER A 308 -7.64 -7.80 7.25
C SER A 308 -6.20 -8.01 6.80
N LEU A 309 -5.92 -7.95 5.51
CA LEU A 309 -4.52 -8.06 5.08
C LEU A 309 -3.69 -6.89 5.59
N TYR A 310 -4.25 -5.67 5.58
CA TYR A 310 -3.46 -4.54 6.05
C TYR A 310 -3.16 -4.67 7.54
N ILE A 311 -4.15 -5.02 8.34
CA ILE A 311 -3.99 -5.00 9.78
C ILE A 311 -3.23 -6.24 10.26
N PHE A 312 -3.78 -7.42 10.00
CA PHE A 312 -3.24 -8.63 10.61
C PHE A 312 -1.99 -9.18 9.90
N LYS A 313 -1.78 -8.89 8.61
CA LYS A 313 -0.61 -9.40 7.88
C LYS A 313 0.43 -8.33 7.54
N ASN A 314 0.18 -7.08 7.92
CA ASN A 314 1.12 -5.96 7.68
C ASN A 314 1.46 -5.83 6.20
N PHE A 315 0.44 -5.95 5.36
CA PHE A 315 0.60 -5.84 3.92
C PHE A 315 0.79 -4.37 3.51
N THR A 316 1.63 -4.13 2.51
CA THR A 316 1.86 -2.81 1.95
C THR A 316 1.63 -2.85 0.45
N SER A 317 1.06 -1.76 -0.06
CA SER A 317 0.70 -1.63 -1.47
C SER A 317 1.26 -0.33 -2.00
N ALA A 318 2.09 -0.39 -3.04
CA ALA A 318 2.72 0.81 -3.56
C ALA A 318 2.70 0.78 -5.09
N GLY A 319 3.20 1.86 -5.69
CA GLY A 319 3.25 1.97 -7.14
C GLY A 319 4.66 2.00 -7.73
N PHE A 320 4.77 1.74 -9.04
CA PHE A 320 6.03 1.79 -9.78
C PHE A 320 5.81 2.49 -11.12
N TRP A 321 6.66 3.47 -11.44
CA TRP A 321 6.60 4.20 -12.71
C TRP A 321 8.03 4.48 -13.16
N VAL A 322 8.48 3.76 -14.20
CA VAL A 322 9.91 3.81 -14.53
C VAL A 322 10.31 5.20 -15.01
N THR A 323 9.42 5.92 -15.71
CA THR A 323 9.80 7.24 -16.18
C THR A 323 10.20 8.15 -15.03
N GLU A 324 9.47 8.07 -13.90
CA GLU A 324 9.71 8.95 -12.77
C GLU A 324 10.86 8.47 -11.90
N LEU A 325 11.14 7.17 -11.87
CA LEU A 325 12.24 6.69 -11.04
C LEU A 325 13.59 7.03 -11.66
N LEU A 326 13.67 7.05 -12.98
CA LEU A 326 14.92 7.32 -13.69
C LEU A 326 15.03 8.76 -14.15
N LYS A 327 14.07 9.63 -13.79
CA LYS A 327 14.03 10.97 -14.34
C LYS A 327 15.36 11.71 -14.11
N ASN A 328 15.83 11.75 -12.87
CA ASN A 328 17.14 12.32 -12.55
C ASN A 328 17.95 11.30 -11.74
N ASN A 329 18.17 10.14 -12.36
CA ASN A 329 19.04 9.10 -11.85
C ASN A 329 19.62 8.38 -13.07
N LYS A 330 20.47 9.09 -13.82
CA LYS A 330 21.04 8.53 -15.03
C LYS A 330 22.04 7.43 -14.73
N GLU A 331 22.69 7.47 -13.56
CA GLU A 331 23.59 6.39 -13.20
C GLU A 331 22.82 5.07 -13.03
N LEU A 332 21.65 5.10 -12.40
CA LEU A 332 20.89 3.87 -12.29
C LEU A 332 20.34 3.41 -13.62
N LYS A 333 19.97 4.35 -14.49
CA LYS A 333 19.51 3.97 -15.82
C LYS A 333 20.63 3.32 -16.62
N THR A 334 21.82 3.92 -16.58
CA THR A 334 22.93 3.43 -17.38
C THR A 334 23.32 2.02 -16.96
N SER A 335 23.47 1.77 -15.66
CA SER A 335 23.96 0.47 -15.26
C SER A 335 22.91 -0.62 -15.53
N THR A 336 21.63 -0.29 -15.34
CA THR A 336 20.59 -1.27 -15.66
C THR A 336 20.59 -1.61 -17.15
N LEU A 337 20.75 -0.59 -18.01
CA LEU A 337 20.80 -0.86 -19.45
C LEU A 337 21.99 -1.72 -19.84
N ASN A 338 23.18 -1.41 -19.29
CA ASN A 338 24.39 -2.18 -19.62
C ASN A 338 24.25 -3.65 -19.25
N GLN A 339 23.55 -3.93 -18.15
CA GLN A 339 23.37 -5.33 -17.75
C GLN A 339 22.49 -6.07 -18.75
N ILE A 340 21.42 -5.43 -19.25
CA ILE A 340 20.58 -6.10 -20.25
C ILE A 340 21.38 -6.35 -21.53
N ILE A 341 22.14 -5.36 -21.99
CA ILE A 341 22.93 -5.52 -23.20
C ILE A 341 23.92 -6.65 -23.03
N ALA A 342 24.54 -6.74 -21.86
CA ALA A 342 25.52 -7.80 -21.64
C ALA A 342 24.85 -9.16 -21.71
N TRP A 343 23.66 -9.29 -21.12
CA TRP A 343 22.97 -10.56 -21.14
C TRP A 343 22.58 -10.96 -22.56
N TYR A 344 22.21 -9.99 -23.40
CA TYR A 344 21.90 -10.30 -24.80
C TYR A 344 23.15 -10.73 -25.55
N GLU A 345 24.28 -10.05 -25.32
CA GLU A 345 25.50 -10.40 -26.04
C GLU A 345 26.04 -11.77 -25.64
N GLU A 346 25.78 -12.22 -24.41
CA GLU A 346 26.22 -13.53 -23.95
C GLU A 346 25.19 -14.63 -24.20
N GLY A 347 24.05 -14.30 -24.79
CA GLY A 347 23.03 -15.30 -25.08
C GLY A 347 22.23 -15.76 -23.89
N LYS A 348 22.29 -15.07 -22.77
CA LYS A 348 21.60 -15.48 -21.55
C LYS A 348 20.17 -14.97 -21.44
N LEU A 349 19.80 -13.97 -22.24
CA LEU A 349 18.49 -13.36 -22.21
C LEU A 349 17.90 -13.37 -23.62
N THR A 350 16.62 -13.69 -23.74
CA THR A 350 15.92 -13.70 -25.02
C THR A 350 14.79 -12.67 -25.01
N ASP A 351 14.38 -12.25 -26.19
CA ASP A 351 13.33 -11.25 -26.29
C ASP A 351 11.93 -11.84 -26.28
N ALA A 352 11.00 -11.04 -25.79
CA ALA A 352 9.58 -11.24 -26.06
C ALA A 352 9.33 -10.98 -27.54
N LYS A 353 8.89 -11.99 -28.28
CA LYS A 353 8.73 -11.84 -29.72
C LYS A 353 7.60 -10.89 -30.08
N SER A 354 7.69 -10.29 -31.26
CA SER A 354 6.68 -9.38 -31.76
C SER A 354 6.10 -9.87 -33.09
N ILE A 355 4.90 -9.38 -33.38
CA ILE A 355 4.30 -9.50 -34.70
C ILE A 355 4.74 -8.27 -35.50
N GLU A 356 5.46 -8.50 -36.61
CA GLU A 356 6.11 -7.43 -37.35
C GLU A 356 5.36 -7.09 -38.63
N THR A 357 5.34 -5.78 -38.96
CA THR A 357 4.71 -5.27 -40.18
C THR A 357 5.67 -4.27 -40.84
N LEU A 358 5.98 -4.51 -42.09
CA LEU A 358 6.97 -3.72 -42.82
C LEU A 358 6.31 -2.59 -43.59
N TYR A 359 6.78 -1.36 -43.36
CA TYR A 359 6.37 -0.21 -44.15
C TYR A 359 7.19 -0.17 -45.44
N ASP A 360 6.50 -0.14 -46.59
CA ASP A 360 7.20 -0.09 -47.87
C ASP A 360 6.66 1.00 -48.80
N GLY A 361 5.77 1.87 -48.34
CA GLY A 361 5.30 2.99 -49.13
C GLY A 361 4.01 2.74 -49.87
N THR A 362 3.51 1.50 -49.88
CA THR A 362 2.25 1.20 -50.56
C THR A 362 1.02 1.46 -49.69
N LYS A 363 1.19 1.94 -48.46
CA LYS A 363 0.09 2.08 -47.52
C LYS A 363 0.46 3.14 -46.48
N PRO A 364 -0.34 4.18 -46.29
CA PRO A 364 0.09 5.30 -45.43
C PRO A 364 0.55 4.82 -44.06
N LEU A 365 1.62 5.45 -43.57
CA LEU A 365 2.26 4.98 -42.35
C LEU A 365 1.28 4.96 -41.18
N HIS A 366 0.40 5.95 -41.08
CA HIS A 366 -0.48 6.01 -39.90
C HIS A 366 -1.47 4.85 -39.88
N GLU A 367 -1.77 4.23 -41.02
CA GLU A 367 -2.66 3.08 -41.03
C GLU A 367 -1.98 1.82 -40.54
N LEU A 368 -0.65 1.73 -40.68
CA LEU A 368 0.05 0.60 -40.09
C LEU A 368 -0.01 0.66 -38.57
N TYR A 369 0.17 1.86 -37.99
CA TYR A 369 0.07 1.96 -36.53
C TYR A 369 -1.37 1.88 -36.05
N GLN A 370 -2.33 2.33 -36.87
CA GLN A 370 -3.72 2.13 -36.48
C GLN A 370 -4.06 0.64 -36.44
N ASP A 371 -3.59 -0.13 -37.42
CA ASP A 371 -3.78 -1.58 -37.39
C ASP A 371 -3.03 -2.21 -36.22
N GLY A 372 -1.82 -1.72 -35.94
CA GLY A 372 -1.08 -2.24 -34.80
C GLY A 372 -1.77 -2.00 -33.47
N VAL A 373 -2.38 -0.82 -33.31
CA VAL A 373 -3.14 -0.53 -32.09
C VAL A 373 -4.31 -1.50 -31.96
N ALA A 374 -5.08 -1.66 -33.05
CA ALA A 374 -6.27 -2.49 -33.02
C ALA A 374 -5.97 -3.97 -32.82
N ASN A 375 -4.78 -4.45 -33.24
CA ASN A 375 -4.42 -5.85 -33.12
C ASN A 375 -3.52 -6.13 -31.92
N SER A 376 -3.48 -5.24 -30.93
CA SER A 376 -2.61 -5.48 -29.79
C SER A 376 -3.07 -6.66 -28.94
N LYS A 377 -4.33 -7.06 -29.03
CA LYS A 377 -4.76 -8.24 -28.29
C LYS A 377 -4.10 -9.51 -28.80
N ASP A 378 -3.59 -9.49 -30.04
CA ASP A 378 -2.87 -10.63 -30.60
C ASP A 378 -1.43 -10.72 -30.08
N GLY A 379 -0.98 -9.72 -29.33
CA GLY A 379 0.38 -9.68 -28.85
C GLY A 379 1.13 -8.46 -29.38
N LYS A 380 2.28 -8.22 -28.76
CA LYS A 380 3.08 -7.05 -29.08
C LYS A 380 3.24 -6.87 -30.58
N GLN A 381 3.00 -5.64 -31.04
CA GLN A 381 3.14 -5.27 -32.44
C GLN A 381 4.36 -4.38 -32.65
N LEU A 382 5.10 -4.66 -33.73
CA LEU A 382 6.28 -3.89 -34.10
C LEU A 382 6.17 -3.48 -35.56
N ILE A 383 6.38 -2.20 -35.83
CA ILE A 383 6.44 -1.69 -37.20
C ILE A 383 7.90 -1.56 -37.60
N THR A 384 8.27 -2.16 -38.73
CA THR A 384 9.63 -2.15 -39.24
C THR A 384 9.69 -1.39 -40.55
N TYR A 385 10.89 -0.91 -40.87
CA TYR A 385 11.11 -0.07 -42.02
C TYR A 385 12.15 -0.63 -42.99
N HIS B 21 -12.03 -15.50 54.82
CA HIS B 21 -10.72 -15.26 54.23
C HIS B 21 -10.69 -15.62 52.75
N MET B 22 -11.84 -15.95 52.20
CA MET B 22 -11.96 -16.33 50.80
C MET B 22 -12.78 -15.29 50.05
N ILE B 23 -12.27 -14.86 48.90
CA ILE B 23 -12.95 -13.86 48.08
C ILE B 23 -13.75 -14.58 47.01
N THR B 24 -15.01 -14.19 46.83
CA THR B 24 -15.85 -14.70 45.74
C THR B 24 -15.85 -13.70 44.59
N ALA B 25 -15.50 -14.19 43.40
CA ALA B 25 -15.36 -13.38 42.20
C ALA B 25 -16.27 -13.93 41.11
N GLN B 26 -16.45 -13.15 40.03
CA GLN B 26 -17.22 -13.54 38.87
C GLN B 26 -16.44 -13.22 37.60
N ALA B 27 -16.54 -14.09 36.59
CA ALA B 27 -15.87 -13.88 35.31
C ALA B 27 -16.79 -14.22 34.16
N VAL B 28 -16.69 -13.47 33.07
CA VAL B 28 -17.45 -13.72 31.84
C VAL B 28 -16.61 -14.55 30.90
N LEU B 29 -17.09 -15.76 30.57
CA LEU B 29 -16.33 -16.71 29.76
C LEU B 29 -17.15 -17.18 28.57
N TYR B 30 -16.47 -17.92 27.69
CA TYR B 30 -17.11 -18.67 26.62
C TYR B 30 -16.27 -19.90 26.31
N THR B 31 -16.96 -20.99 25.95
CA THR B 31 -16.29 -22.23 25.57
C THR B 31 -16.25 -22.44 24.07
N GLN B 32 -16.97 -21.65 23.29
CA GLN B 32 -16.82 -21.67 21.85
C GLN B 32 -17.12 -20.29 21.28
N HIS B 33 -16.56 -20.05 20.10
CA HIS B 33 -16.73 -18.77 19.43
C HIS B 33 -18.14 -18.64 18.88
N GLY B 34 -18.57 -17.39 18.73
CA GLY B 34 -19.89 -17.10 18.23
C GLY B 34 -20.24 -15.66 18.54
N GLU B 35 -21.52 -15.33 18.37
CA GLU B 35 -21.99 -14.00 18.74
C GLU B 35 -22.09 -13.90 20.26
N PRO B 36 -21.70 -12.76 20.84
CA PRO B 36 -21.74 -12.63 22.30
C PRO B 36 -23.12 -12.90 22.91
N LYS B 37 -24.19 -12.53 22.21
CA LYS B 37 -25.52 -12.80 22.73
C LYS B 37 -25.82 -14.29 22.85
N ASP B 38 -24.98 -15.15 22.29
CA ASP B 38 -25.22 -16.60 22.28
C ASP B 38 -24.24 -17.41 23.11
N VAL B 39 -22.98 -16.99 23.24
CA VAL B 39 -21.93 -17.85 23.79
C VAL B 39 -21.46 -17.45 25.17
N LEU B 40 -21.78 -16.24 25.65
CA LEU B 40 -21.24 -15.77 26.92
C LEU B 40 -22.05 -16.28 28.12
N PHE B 41 -21.34 -16.51 29.23
CA PHE B 41 -21.95 -16.88 30.50
C PHE B 41 -21.03 -16.44 31.65
N THR B 42 -21.58 -16.44 32.87
CA THR B 42 -20.86 -16.04 34.06
C THR B 42 -20.44 -17.24 34.88
N GLN B 43 -19.20 -17.23 35.37
CA GLN B 43 -18.63 -18.30 36.19
C GLN B 43 -18.16 -17.74 37.53
N SER B 44 -18.57 -18.40 38.61
CA SER B 44 -18.11 -18.06 39.96
C SER B 44 -16.83 -18.82 40.30
N PHE B 45 -15.89 -18.14 40.95
CA PHE B 45 -14.64 -18.75 41.39
C PHE B 45 -14.19 -18.03 42.65
N GLU B 46 -13.19 -18.61 43.32
CA GLU B 46 -12.76 -18.09 44.61
C GLU B 46 -11.26 -17.85 44.63
N ILE B 47 -10.85 -16.75 45.27
CA ILE B 47 -9.45 -16.36 45.40
C ILE B 47 -9.08 -16.44 46.88
N ASP B 48 -7.95 -17.06 47.16
CA ASP B 48 -7.45 -17.21 48.53
C ASP B 48 -6.42 -16.14 48.81
N ASP B 49 -6.77 -15.18 49.68
CA ASP B 49 -5.87 -14.07 49.97
C ASP B 49 -4.79 -14.42 51.00
N ASP B 50 -4.96 -15.49 51.75
CA ASP B 50 -3.98 -15.85 52.76
C ASP B 50 -2.85 -16.74 52.23
N ASN B 51 -2.91 -17.16 50.96
CA ASN B 51 -1.91 -18.07 50.40
C ASN B 51 -1.39 -17.49 49.07
N LEU B 52 -0.54 -16.46 49.17
CA LEU B 52 0.02 -15.79 48.02
C LEU B 52 1.51 -16.12 47.88
N ALA B 53 1.90 -16.56 46.69
CA ALA B 53 3.30 -16.80 46.42
C ALA B 53 4.09 -15.49 46.56
N PRO B 54 5.40 -15.59 46.74
CA PRO B 54 6.20 -14.38 46.97
C PRO B 54 5.95 -13.25 45.98
N ASN B 55 5.67 -13.55 44.72
CA ASN B 55 5.54 -12.54 43.68
C ASN B 55 4.11 -12.37 43.18
N GLU B 56 3.13 -12.90 43.89
CA GLU B 56 1.74 -12.83 43.45
C GLU B 56 1.05 -11.57 43.98
N VAL B 57 -0.02 -11.19 43.30
CA VAL B 57 -0.75 -9.97 43.59
C VAL B 57 -2.23 -10.24 43.37
N ILE B 58 -3.09 -9.64 44.20
CA ILE B 58 -4.54 -9.69 44.03
C ILE B 58 -5.06 -8.30 43.72
N VAL B 59 -5.88 -8.19 42.68
CA VAL B 59 -6.44 -6.92 42.23
C VAL B 59 -7.96 -7.01 42.20
N LYS B 60 -8.60 -5.85 42.34
CA LYS B 60 -10.05 -5.71 42.28
C LYS B 60 -10.36 -4.76 41.12
N THR B 61 -11.30 -5.16 40.26
CA THR B 61 -11.65 -4.38 39.08
C THR B 61 -12.42 -3.12 39.46
N LEU B 62 -12.04 -2.00 38.84
CA LEU B 62 -12.78 -0.74 38.98
C LEU B 62 -13.66 -0.45 37.77
N GLY B 63 -13.20 -0.80 36.57
CA GLY B 63 -13.98 -0.64 35.36
C GLY B 63 -13.27 -1.24 34.16
N SER B 64 -14.04 -1.68 33.16
CA SER B 64 -13.45 -2.20 31.92
C SER B 64 -14.40 -1.97 30.76
N PRO B 65 -13.90 -1.53 29.61
CA PRO B 65 -14.78 -1.17 28.49
C PRO B 65 -15.08 -2.31 27.53
N VAL B 66 -16.04 -2.04 26.64
CA VAL B 66 -16.35 -2.93 25.52
C VAL B 66 -15.82 -2.26 24.25
N ASN B 67 -14.82 -2.87 23.65
CA ASN B 67 -14.18 -2.36 22.46
C ASN B 67 -14.48 -3.31 21.31
N PRO B 68 -14.39 -2.82 20.06
CA PRO B 68 -14.67 -3.71 18.91
C PRO B 68 -13.78 -4.94 18.86
N SER B 69 -12.50 -4.84 19.23
CA SER B 69 -11.65 -6.02 19.18
C SER B 69 -12.10 -7.08 20.21
N ASP B 70 -12.59 -6.66 21.37
CA ASP B 70 -13.12 -7.63 22.32
C ASP B 70 -14.21 -8.48 21.68
N ILE B 71 -15.04 -7.87 20.84
CA ILE B 71 -16.14 -8.58 20.20
C ILE B 71 -15.62 -9.50 19.10
N ASN B 72 -14.72 -9.00 18.24
CA ASN B 72 -14.13 -9.84 17.21
C ASN B 72 -13.43 -11.05 17.82
N GLN B 73 -12.82 -10.88 18.99
CA GLN B 73 -12.14 -11.96 19.67
C GLN B 73 -13.12 -13.08 20.02
N ILE B 74 -14.28 -12.70 20.59
CA ILE B 74 -15.35 -13.65 20.89
C ILE B 74 -15.89 -14.29 19.61
N GLN B 75 -15.97 -13.51 18.52
CA GLN B 75 -16.51 -14.03 17.27
C GLN B 75 -15.60 -15.06 16.59
N GLY B 76 -14.30 -15.06 16.89
CA GLY B 76 -13.38 -15.98 16.28
C GLY B 76 -12.70 -15.46 15.03
N VAL B 77 -12.79 -14.16 14.75
CA VAL B 77 -12.18 -13.56 13.57
C VAL B 77 -11.00 -12.66 13.91
N TYR B 78 -10.62 -12.58 15.19
CA TYR B 78 -9.47 -11.79 15.63
C TYR B 78 -8.31 -12.75 15.91
N PRO B 79 -7.16 -12.58 15.26
CA PRO B 79 -6.09 -13.59 15.36
C PRO B 79 -5.16 -13.47 16.57
N SER B 80 -5.59 -12.81 17.63
CA SER B 80 -4.87 -12.76 18.91
C SER B 80 -5.89 -13.06 20.00
N LYS B 81 -5.82 -14.24 20.60
CA LYS B 81 -6.89 -14.67 21.51
C LYS B 81 -6.31 -15.41 22.71
N PRO B 82 -6.90 -15.23 23.91
CA PRO B 82 -6.42 -15.98 25.08
C PRO B 82 -6.67 -17.48 24.95
N ALA B 83 -5.81 -18.26 25.60
CA ALA B 83 -5.97 -19.70 25.60
C ALA B 83 -7.19 -20.10 26.43
N LYS B 84 -7.76 -21.24 26.09
CA LYS B 84 -8.87 -21.79 26.86
C LYS B 84 -8.31 -22.71 27.94
N THR B 85 -8.78 -22.51 29.17
CA THR B 85 -8.28 -23.25 30.32
C THR B 85 -9.43 -23.60 31.23
N THR B 86 -9.15 -24.53 32.16
CA THR B 86 -10.05 -24.87 33.24
C THR B 86 -9.71 -24.10 34.51
N GLY B 87 -8.96 -23.01 34.39
CA GLY B 87 -8.46 -22.28 35.54
C GLY B 87 -9.51 -21.53 36.33
N PHE B 88 -10.68 -21.28 35.75
CA PHE B 88 -11.76 -20.67 36.52
C PHE B 88 -12.70 -21.71 37.13
N GLY B 89 -12.34 -22.99 37.08
CA GLY B 89 -13.17 -24.00 37.69
C GLY B 89 -14.22 -24.60 36.81
N THR B 90 -14.06 -24.56 35.50
CA THR B 90 -14.95 -25.22 34.55
C THR B 90 -14.44 -26.61 34.21
N THR B 91 -15.35 -27.48 33.74
CA THR B 91 -14.94 -28.79 33.24
C THR B 91 -14.44 -28.71 31.80
N GLU B 92 -14.99 -27.78 31.00
CA GLU B 92 -14.50 -27.56 29.66
C GLU B 92 -13.57 -26.37 29.63
N PRO B 93 -12.52 -26.39 28.80
CA PRO B 93 -11.66 -25.21 28.70
C PRO B 93 -12.45 -24.01 28.20
N ALA B 94 -12.29 -22.88 28.91
CA ALA B 94 -12.99 -21.65 28.58
C ALA B 94 -12.01 -20.49 28.54
N ALA B 95 -12.33 -19.51 27.69
CA ALA B 95 -11.50 -18.34 27.55
C ALA B 95 -12.19 -17.13 28.16
N PRO B 96 -11.44 -16.22 28.79
CA PRO B 96 -12.03 -14.99 29.31
C PRO B 96 -12.15 -13.92 28.22
N CYS B 97 -12.72 -12.77 28.58
CA CYS B 97 -13.02 -11.71 27.64
C CYS B 97 -12.45 -10.38 28.11
N GLY B 98 -12.15 -9.50 27.16
CA GLY B 98 -11.69 -8.16 27.45
C GLY B 98 -10.18 -8.06 27.54
N ASN B 99 -9.61 -7.03 26.92
CA ASN B 99 -8.16 -6.86 26.86
C ASN B 99 -7.65 -5.67 27.65
N GLU B 100 -8.48 -4.70 27.96
CA GLU B 100 -8.05 -3.55 28.75
C GLU B 100 -9.00 -3.29 29.92
N GLY B 101 -8.47 -2.64 30.93
CA GLY B 101 -9.24 -2.37 32.13
C GLY B 101 -8.36 -1.73 33.19
N LEU B 102 -9.04 -1.22 34.23
CA LEU B 102 -8.39 -0.54 35.34
C LEU B 102 -8.66 -1.31 36.62
N PHE B 103 -7.61 -1.56 37.41
CA PHE B 103 -7.71 -2.38 38.63
C PHE B 103 -7.05 -1.69 39.82
N GLU B 104 -7.47 -2.10 41.01
CA GLU B 104 -6.94 -1.61 42.27
C GLU B 104 -6.33 -2.76 43.06
N VAL B 105 -5.11 -2.57 43.55
CA VAL B 105 -4.34 -3.62 44.21
C VAL B 105 -4.88 -3.84 45.62
N ILE B 106 -5.28 -5.08 45.91
CA ILE B 106 -5.77 -5.46 47.23
C ILE B 106 -4.66 -5.99 48.12
N LYS B 107 -3.83 -6.88 47.60
CA LYS B 107 -2.79 -7.49 48.41
C LYS B 107 -1.63 -7.98 47.54
N VAL B 108 -0.43 -7.98 48.12
CA VAL B 108 0.78 -8.38 47.40
C VAL B 108 1.52 -9.42 48.22
N GLY B 109 2.34 -10.21 47.52
CA GLY B 109 3.12 -11.27 48.12
C GLY B 109 4.37 -10.78 48.85
N SER B 110 5.04 -11.73 49.49
CA SER B 110 6.20 -11.43 50.34
C SER B 110 7.27 -10.66 49.60
N ASN B 111 7.47 -10.96 48.32
CA ASN B 111 8.61 -10.45 47.57
C ASN B 111 8.24 -9.28 46.65
N VAL B 112 7.01 -8.81 46.70
CA VAL B 112 6.59 -7.73 45.81
C VAL B 112 7.01 -6.40 46.40
N SER B 113 7.72 -5.62 45.60
CA SER B 113 8.11 -4.26 45.98
C SER B 113 7.66 -3.21 44.99
N SER B 114 7.29 -3.59 43.76
CA SER B 114 6.88 -2.60 42.78
C SER B 114 5.44 -2.14 42.93
N LEU B 115 4.66 -2.79 43.78
CA LEU B 115 3.26 -2.45 43.98
C LEU B 115 2.90 -2.62 45.45
N GLU B 116 1.84 -1.91 45.86
CA GLU B 116 1.33 -2.02 47.21
C GLU B 116 -0.18 -1.80 47.17
N ALA B 117 -0.84 -2.15 48.27
CA ALA B 117 -2.29 -2.03 48.34
C ALA B 117 -2.70 -0.58 48.09
N GLY B 118 -3.75 -0.41 47.27
CA GLY B 118 -4.27 0.90 46.94
C GLY B 118 -3.81 1.46 45.61
N ASP B 119 -2.80 0.84 45.00
CA ASP B 119 -2.27 1.29 43.71
C ASP B 119 -3.28 0.99 42.60
N TRP B 120 -3.21 1.79 41.53
CA TRP B 120 -3.95 1.54 40.30
C TRP B 120 -3.05 0.88 39.27
N VAL B 121 -3.58 -0.12 38.57
CA VAL B 121 -2.81 -0.85 37.58
C VAL B 121 -3.66 -1.16 36.35
N ILE B 122 -2.97 -1.38 35.24
CA ILE B 122 -3.56 -1.92 34.02
C ILE B 122 -2.80 -3.20 33.68
N PRO B 123 -3.36 -4.04 32.83
CA PRO B 123 -2.61 -5.23 32.39
C PRO B 123 -1.42 -4.81 31.53
N SER B 124 -0.30 -5.53 31.69
CA SER B 124 0.89 -5.29 30.89
C SER B 124 0.88 -6.05 29.56
N HIS B 125 -0.01 -7.01 29.38
CA HIS B 125 -0.11 -7.76 28.14
C HIS B 125 -1.57 -7.87 27.71
N VAL B 126 -1.77 -8.23 26.46
CA VAL B 126 -3.11 -8.47 25.94
C VAL B 126 -3.57 -9.85 26.40
N ASN B 127 -4.85 -10.16 26.16
CA ASN B 127 -5.43 -11.47 26.46
C ASN B 127 -5.42 -11.79 27.94
N PHE B 128 -5.49 -10.76 28.78
CA PHE B 128 -5.50 -10.96 30.21
C PHE B 128 -6.87 -11.38 30.73
N GLY B 129 -7.94 -10.85 30.15
CA GLY B 129 -9.27 -11.08 30.66
C GLY B 129 -9.64 -10.01 31.66
N THR B 130 -10.44 -9.01 31.26
CA THR B 130 -10.77 -7.90 32.13
C THR B 130 -12.25 -7.79 32.46
N TRP B 131 -13.10 -8.60 31.84
CA TRP B 131 -14.54 -8.61 32.15
C TRP B 131 -14.78 -9.55 33.33
N ARG B 132 -14.35 -9.09 34.51
CA ARG B 132 -14.47 -9.85 35.75
C ARG B 132 -14.21 -8.93 36.94
N THR B 133 -14.59 -9.43 38.13
CA THR B 133 -14.53 -8.63 39.35
C THR B 133 -13.15 -8.63 40.02
N HIS B 134 -12.39 -9.72 39.89
CA HIS B 134 -11.11 -9.82 40.58
C HIS B 134 -10.16 -10.66 39.74
N ALA B 135 -8.86 -10.54 40.05
CA ALA B 135 -7.82 -11.32 39.37
C ALA B 135 -6.66 -11.59 40.32
N LEU B 136 -6.03 -12.75 40.12
CA LEU B 136 -4.80 -13.12 40.81
C LEU B 136 -3.69 -13.20 39.78
N GLY B 137 -2.61 -12.46 39.97
CA GLY B 137 -1.52 -12.49 39.01
C GLY B 137 -0.18 -12.26 39.69
N ASN B 138 0.87 -12.25 38.88
CA ASN B 138 2.19 -11.86 39.35
C ASN B 138 2.37 -10.36 39.15
N ASP B 139 3.35 -9.79 39.86
CA ASP B 139 3.59 -8.35 39.74
C ASP B 139 3.84 -7.94 38.28
N ASP B 140 4.58 -8.76 37.52
CA ASP B 140 4.92 -8.38 36.14
C ASP B 140 3.76 -8.54 35.16
N ASP B 141 2.58 -8.98 35.60
CA ASP B 141 1.39 -8.95 34.75
C ASP B 141 0.75 -7.57 34.65
N PHE B 142 1.25 -6.58 35.39
CA PHE B 142 0.58 -5.29 35.53
C PHE B 142 1.56 -4.13 35.30
N ILE B 143 0.99 -2.99 34.92
CA ILE B 143 1.69 -1.71 34.83
C ILE B 143 1.03 -0.74 35.79
N LYS B 144 1.84 -0.05 36.59
CA LYS B 144 1.29 0.87 37.58
C LYS B 144 0.95 2.23 36.95
N LEU B 145 -0.26 2.71 37.25
CA LEU B 145 -0.68 4.07 36.95
C LEU B 145 -0.71 4.89 38.25
N PRO B 146 -0.53 6.20 38.17
CA PRO B 146 -0.73 7.03 39.36
C PRO B 146 -2.21 7.07 39.71
N ASN B 147 -2.52 6.84 40.98
CA ASN B 147 -3.86 7.07 41.46
C ASN B 147 -4.02 8.53 41.88
N PRO B 148 -5.25 9.01 42.08
CA PRO B 148 -5.42 10.47 42.28
C PRO B 148 -4.66 11.03 43.47
N ALA B 149 -4.51 10.25 44.55
CA ALA B 149 -3.75 10.72 45.70
C ALA B 149 -2.28 10.90 45.34
N GLN B 150 -1.73 10.01 44.51
CA GLN B 150 -0.33 10.15 44.12
C GLN B 150 -0.11 11.31 43.16
N SER B 151 -1.02 11.52 42.21
CA SER B 151 -0.97 12.70 41.35
C SER B 151 -1.02 13.99 42.17
N LYS B 152 -1.90 14.03 43.20
CA LYS B 152 -2.00 15.24 43.99
C LYS B 152 -0.75 15.47 44.84
N ALA B 153 -0.14 14.38 45.33
CA ALA B 153 1.05 14.52 46.13
C ALA B 153 2.21 15.10 45.33
N ASN B 154 2.26 14.84 44.01
CA ASN B 154 3.31 15.39 43.15
C ASN B 154 2.98 16.80 42.63
N GLY B 155 1.90 17.41 43.09
CA GLY B 155 1.60 18.77 42.70
C GLY B 155 0.91 18.92 41.36
N LYS B 156 0.41 17.84 40.80
CA LYS B 156 -0.30 17.90 39.53
C LYS B 156 -1.74 18.33 39.76
N PRO B 157 -2.30 19.17 38.90
CA PRO B 157 -3.70 19.62 39.10
C PRO B 157 -4.75 18.53 39.00
N ASN B 158 -4.55 17.45 38.23
CA ASN B 158 -5.59 16.44 38.09
C ASN B 158 -5.04 15.04 38.31
N GLY B 159 -5.92 14.16 38.77
CA GLY B 159 -5.63 12.76 38.84
C GLY B 159 -6.58 12.08 37.89
N LEU B 160 -6.27 10.88 37.45
CA LEU B 160 -7.09 10.21 36.46
C LEU B 160 -8.46 9.87 37.04
N THR B 161 -9.44 9.79 36.15
CA THR B 161 -10.73 9.22 36.49
C THR B 161 -10.74 7.72 36.17
N ILE B 162 -11.80 7.03 36.61
CA ILE B 162 -11.92 5.61 36.29
C ILE B 162 -11.98 5.41 34.78
N ASN B 163 -12.80 6.20 34.08
CA ASN B 163 -12.90 6.01 32.64
C ASN B 163 -11.59 6.34 31.93
N GLN B 164 -10.85 7.32 32.42
CA GLN B 164 -9.58 7.63 31.77
C GLN B 164 -8.58 6.51 32.00
N GLY B 165 -8.57 5.94 33.20
CA GLY B 165 -7.66 4.84 33.47
C GLY B 165 -8.04 3.58 32.72
N ALA B 166 -9.34 3.27 32.67
CA ALA B 166 -9.79 2.00 32.10
C ALA B 166 -9.68 1.95 30.58
N THR B 167 -9.51 3.10 29.91
CA THR B 167 -9.42 3.18 28.46
C THR B 167 -8.09 3.75 27.97
N ILE B 168 -7.08 3.86 28.83
CA ILE B 168 -5.87 4.55 28.43
C ILE B 168 -4.96 3.70 27.56
N SER B 169 -5.07 2.37 27.63
CA SER B 169 -4.04 1.52 27.03
C SER B 169 -4.27 1.21 25.55
N VAL B 170 -5.41 1.58 24.96
CA VAL B 170 -5.65 1.25 23.56
C VAL B 170 -5.84 2.50 22.70
N ASN B 171 -7.04 3.10 22.74
CA ASN B 171 -7.38 4.12 21.75
C ASN B 171 -6.46 5.34 21.76
N PRO B 172 -6.05 5.90 22.89
CA PRO B 172 -5.08 7.02 22.86
C PRO B 172 -3.73 6.63 22.25
N LEU B 173 -3.25 5.40 22.50
CA LEU B 173 -1.96 4.97 21.97
C LEU B 173 -2.05 4.77 20.46
N VAL B 174 -3.18 4.23 20.00
CA VAL B 174 -3.42 4.06 18.57
C VAL B 174 -3.30 5.40 17.87
N ALA B 175 -4.00 6.40 18.37
CA ALA B 175 -3.98 7.72 17.74
C ALA B 175 -2.58 8.35 17.78
N TYR B 176 -1.91 8.31 18.93
CA TYR B 176 -0.61 8.93 19.05
C TYR B 176 0.39 8.30 18.07
N LEU B 177 0.44 6.97 18.01
CA LEU B 177 1.48 6.30 17.22
C LEU B 177 1.24 6.47 15.72
N MET B 178 -0.03 6.41 15.28
CA MET B 178 -0.28 6.67 13.88
C MET B 178 0.15 8.08 13.47
N LEU B 179 0.07 9.06 14.36
CA LEU B 179 0.42 10.42 13.93
C LEU B 179 1.92 10.69 13.96
N THR B 180 2.70 9.96 14.77
CA THR B 180 4.08 10.32 15.04
C THR B 180 5.13 9.31 14.61
N HIS B 181 4.75 8.07 14.31
CA HIS B 181 5.72 6.98 14.11
C HIS B 181 5.99 6.64 12.65
N TYR B 182 5.27 7.23 11.70
CA TYR B 182 5.36 6.83 10.29
C TYR B 182 5.71 7.96 9.32
N VAL B 183 5.11 9.13 9.49
CA VAL B 183 5.40 10.28 8.66
C VAL B 183 5.63 11.45 9.61
N LYS B 184 6.65 12.25 9.32
CA LYS B 184 6.91 13.45 10.11
C LYS B 184 6.16 14.62 9.46
N LEU B 185 5.15 15.15 10.16
CA LEU B 185 4.43 16.34 9.72
C LEU B 185 5.04 17.58 10.35
N THR B 186 5.30 18.58 9.52
CA THR B 186 5.87 19.84 9.99
C THR B 186 4.86 20.59 10.84
N PRO B 187 5.13 20.87 12.13
CA PRO B 187 4.15 21.60 12.95
C PRO B 187 3.81 22.97 12.38
N GLY B 188 2.51 23.29 12.41
CA GLY B 188 2.00 24.56 11.91
C GLY B 188 1.76 24.61 10.42
N LYS B 189 2.10 23.57 9.66
CA LYS B 189 1.98 23.59 8.21
C LYS B 189 1.23 22.38 7.63
N ASP B 190 1.72 21.17 7.92
CA ASP B 190 1.24 19.96 7.24
C ASP B 190 -0.11 19.49 7.79
N TRP B 191 -0.78 18.67 6.97
CA TRP B 191 -2.12 18.17 7.27
C TRP B 191 -2.14 16.65 7.32
N PHE B 192 -3.08 16.11 8.10
CA PHE B 192 -3.53 14.75 7.95
C PHE B 192 -5.06 14.77 7.78
N ILE B 193 -5.59 13.72 7.17
CA ILE B 193 -7.03 13.60 6.99
C ILE B 193 -7.46 12.22 7.48
N GLN B 194 -8.60 12.18 8.17
CA GLN B 194 -9.10 10.95 8.77
C GLN B 194 -10.62 10.83 8.60
N ASN B 195 -11.08 9.61 8.31
CA ASN B 195 -12.49 9.30 8.37
C ASN B 195 -12.77 8.66 9.73
N GLY B 196 -14.03 8.32 9.96
CA GLY B 196 -14.45 7.91 11.30
C GLY B 196 -14.26 8.99 12.34
N GLY B 197 -14.54 10.25 11.97
CA GLY B 197 -14.19 11.38 12.82
C GLY B 197 -14.86 11.41 14.19
N THR B 198 -16.05 10.80 14.32
CA THR B 198 -16.75 10.80 15.61
C THR B 198 -16.38 9.60 16.49
N SER B 199 -15.53 8.69 16.02
CA SER B 199 -15.12 7.56 16.84
C SER B 199 -14.27 8.01 18.02
N ALA B 200 -14.15 7.11 19.01
CA ALA B 200 -13.27 7.39 20.14
C ALA B 200 -11.84 7.62 19.68
N VAL B 201 -11.37 6.82 18.73
CA VAL B 201 -10.01 7.01 18.20
C VAL B 201 -9.90 8.32 17.44
N GLY B 202 -10.89 8.62 16.59
CA GLY B 202 -10.87 9.87 15.85
C GLY B 202 -10.82 11.09 16.75
N LYS B 203 -11.51 11.02 17.90
CA LYS B 203 -11.53 12.14 18.84
C LYS B 203 -10.19 12.28 19.59
N TYR B 204 -9.51 11.18 19.91
CA TYR B 204 -8.15 11.33 20.45
C TYR B 204 -7.20 11.90 19.41
N ALA B 205 -7.35 11.49 18.15
CA ALA B 205 -6.47 11.98 17.09
C ALA B 205 -6.63 13.48 16.87
N SER B 206 -7.85 14.00 16.90
CA SER B 206 -8.04 15.44 16.76
C SER B 206 -7.38 16.21 17.90
N GLN B 207 -7.50 15.69 19.12
CA GLN B 207 -6.86 16.32 20.26
C GLN B 207 -5.33 16.28 20.16
N ILE B 208 -4.76 15.15 19.76
CA ILE B 208 -3.32 15.02 19.65
C ILE B 208 -2.79 15.85 18.49
N GLY B 209 -3.51 15.88 17.37
CA GLY B 209 -3.18 16.82 16.30
C GLY B 209 -3.13 18.25 16.78
N LYS B 210 -4.06 18.64 17.64
CA LYS B 210 -4.07 20.01 18.16
C LYS B 210 -2.88 20.28 19.08
N LEU B 211 -2.59 19.34 19.99
CA LEU B 211 -1.53 19.54 20.98
C LEU B 211 -0.14 19.52 20.34
N LEU B 212 0.00 18.92 19.15
CA LEU B 212 1.25 18.90 18.40
C LEU B 212 1.27 19.92 17.27
N ASN B 213 0.20 20.69 17.10
CA ASN B 213 0.13 21.72 16.08
C ASN B 213 0.14 21.13 14.66
N PHE B 214 -0.69 20.11 14.44
CA PHE B 214 -0.96 19.57 13.10
C PHE B 214 -2.35 20.03 12.63
N ASN B 215 -2.46 20.33 11.34
CA ASN B 215 -3.76 20.60 10.74
C ASN B 215 -4.42 19.29 10.36
N SER B 216 -5.76 19.29 10.35
CA SER B 216 -6.47 18.05 10.06
C SER B 216 -7.86 18.32 9.51
N ILE B 217 -8.33 17.39 8.69
CA ILE B 217 -9.72 17.32 8.21
C ILE B 217 -10.31 16.02 8.73
N SER B 218 -11.51 16.12 9.34
CA SER B 218 -12.28 14.96 9.80
C SER B 218 -13.48 14.75 8.87
N VAL B 219 -13.68 13.52 8.43
CA VAL B 219 -14.81 13.14 7.59
C VAL B 219 -15.81 12.35 8.43
N ILE B 220 -17.08 12.80 8.44
CA ILE B 220 -18.14 12.18 9.21
C ILE B 220 -19.37 12.00 8.34
N ARG B 221 -20.27 11.11 8.78
CA ARG B 221 -21.55 10.97 8.08
C ARG B 221 -22.51 12.06 8.48
N ASP B 222 -23.30 12.51 7.49
CA ASP B 222 -24.26 13.59 7.68
C ASP B 222 -25.31 13.19 8.71
N ARG B 223 -25.92 14.19 9.34
CA ARG B 223 -26.92 13.99 10.38
C ARG B 223 -27.75 15.27 10.51
N PRO B 224 -28.92 15.20 11.16
CA PRO B 224 -29.72 16.43 11.31
C PRO B 224 -29.05 17.50 12.17
N ASN B 225 -28.42 17.12 13.28
CA ASN B 225 -27.71 18.09 14.14
C ASN B 225 -26.25 18.24 13.72
N LEU B 226 -26.00 18.38 12.41
CA LEU B 226 -24.63 18.39 11.94
C LEU B 226 -23.84 19.56 12.52
N ASP B 227 -24.46 20.73 12.68
CA ASP B 227 -23.75 21.94 13.11
C ASP B 227 -23.19 21.78 14.53
N GLU B 228 -23.92 21.10 15.42
CA GLU B 228 -23.44 20.89 16.79
C GLU B 228 -22.27 19.92 16.82
N VAL B 229 -22.30 18.91 15.94
CA VAL B 229 -21.23 17.92 15.88
C VAL B 229 -19.97 18.55 15.32
N VAL B 230 -20.10 19.37 14.27
CA VAL B 230 -18.94 20.07 13.74
C VAL B 230 -18.32 20.96 14.82
N ALA B 231 -19.16 21.65 15.61
CA ALA B 231 -18.63 22.50 16.65
C ALA B 231 -17.88 21.70 17.71
N SER B 232 -18.39 20.51 18.07
CA SER B 232 -17.70 19.71 19.08
C SER B 232 -16.33 19.22 18.60
N LEU B 233 -16.24 18.76 17.36
CA LEU B 233 -14.98 18.26 16.84
C LEU B 233 -13.96 19.39 16.68
N LYS B 234 -14.40 20.57 16.28
CA LYS B 234 -13.48 21.70 16.19
C LYS B 234 -12.96 22.11 17.56
N GLU B 235 -13.79 22.00 18.62
CA GLU B 235 -13.29 22.25 19.97
C GLU B 235 -12.28 21.18 20.39
N LEU B 236 -12.49 19.92 19.98
CA LEU B 236 -11.52 18.88 20.27
C LEU B 236 -10.21 19.10 19.53
N GLY B 237 -10.25 19.64 18.31
CA GLY B 237 -9.02 19.94 17.60
C GLY B 237 -8.99 19.80 16.08
N ALA B 238 -10.09 19.35 15.46
CA ALA B 238 -10.13 19.30 14.01
C ALA B 238 -10.11 20.70 13.42
N THR B 239 -9.35 20.89 12.32
CA THR B 239 -9.31 22.18 11.66
C THR B 239 -10.53 22.40 10.79
N GLN B 240 -10.91 21.38 10.02
CA GLN B 240 -12.11 21.40 9.20
C GLN B 240 -12.81 20.05 9.35
N VAL B 241 -14.13 20.06 9.15
CA VAL B 241 -14.98 18.88 9.24
C VAL B 241 -15.87 18.86 8.00
N ILE B 242 -15.87 17.73 7.28
CA ILE B 242 -16.67 17.58 6.07
C ILE B 242 -17.48 16.29 6.14
N THR B 243 -18.55 16.24 5.36
CA THR B 243 -19.39 15.05 5.31
C THR B 243 -18.86 14.05 4.28
N GLU B 244 -19.36 12.83 4.35
CA GLU B 244 -18.96 11.82 3.36
C GLU B 244 -19.42 12.23 1.95
N ASP B 245 -20.50 13.00 1.84
CA ASP B 245 -20.92 13.47 0.52
C ASP B 245 -19.90 14.45 -0.04
N GLN B 246 -19.47 15.44 0.76
CA GLN B 246 -18.40 16.32 0.29
C GLN B 246 -17.13 15.54 0.00
N ASN B 247 -16.84 14.48 0.78
CA ASN B 247 -15.69 13.62 0.50
C ASN B 247 -15.80 12.97 -0.88
N ASN B 248 -17.01 12.65 -1.32
CA ASN B 248 -17.20 12.04 -2.62
C ASN B 248 -17.26 13.04 -3.77
N SER B 249 -17.25 14.34 -3.48
CA SER B 249 -17.57 15.36 -4.48
C SER B 249 -16.34 15.84 -5.25
N ARG B 250 -16.37 15.71 -6.58
CA ARG B 250 -15.35 16.37 -7.41
C ARG B 250 -15.56 17.89 -7.44
N GLU B 251 -16.79 18.37 -7.31
CA GLU B 251 -17.03 19.81 -7.25
C GLU B 251 -16.38 20.45 -6.02
N PHE B 252 -16.20 19.67 -4.94
CA PHE B 252 -15.70 20.19 -3.67
C PHE B 252 -14.19 20.09 -3.52
N GLY B 253 -13.51 19.29 -4.34
CA GLY B 253 -12.07 19.15 -4.29
C GLY B 253 -11.31 20.46 -4.22
N PRO B 254 -11.58 21.37 -5.17
CA PRO B 254 -10.83 22.65 -5.19
C PRO B 254 -10.82 23.38 -3.87
N THR B 255 -11.89 23.29 -3.07
CA THR B 255 -11.87 24.04 -1.82
C THR B 255 -10.94 23.37 -0.81
N ILE B 256 -10.80 22.05 -0.86
CA ILE B 256 -9.82 21.37 0.00
C ILE B 256 -8.40 21.70 -0.45
N LYS B 257 -8.15 21.72 -1.77
CA LYS B 257 -6.84 22.17 -2.25
C LYS B 257 -6.53 23.57 -1.79
N GLU B 258 -7.54 24.43 -1.66
CA GLU B 258 -7.27 25.81 -1.27
C GLU B 258 -6.93 25.90 0.22
N TRP B 259 -7.65 25.17 1.07
CA TRP B 259 -7.27 25.12 2.48
C TRP B 259 -5.79 24.80 2.65
N ILE B 260 -5.31 23.78 1.91
CA ILE B 260 -3.94 23.30 2.06
C ILE B 260 -2.96 24.30 1.49
N LYS B 261 -3.29 24.92 0.35
CA LYS B 261 -2.41 25.90 -0.27
C LYS B 261 -2.18 27.10 0.64
N GLN B 262 -3.20 27.54 1.37
CA GLN B 262 -3.06 28.71 2.24
C GLN B 262 -2.27 28.41 3.51
N SER B 263 -2.16 27.15 3.93
CA SER B 263 -1.39 26.83 5.12
C SER B 263 0.12 26.83 4.87
N GLY B 264 0.55 26.73 3.61
CA GLY B 264 1.95 26.51 3.29
C GLY B 264 2.41 25.07 3.38
N GLY B 265 1.54 24.14 3.78
CA GLY B 265 1.91 22.76 3.98
C GLY B 265 1.36 21.82 2.92
N GLU B 266 1.43 20.53 3.24
CA GLU B 266 0.97 19.47 2.36
C GLU B 266 0.17 18.45 3.15
N ALA B 267 -0.71 17.75 2.45
CA ALA B 267 -1.45 16.63 3.05
C ALA B 267 -0.63 15.36 2.83
N LYS B 268 -0.01 14.86 3.91
CA LYS B 268 0.94 13.77 3.83
C LYS B 268 0.43 12.43 4.35
N LEU B 269 -0.60 12.42 5.19
CA LEU B 269 -1.02 11.25 5.92
C LEU B 269 -2.54 11.13 5.91
N ALA B 270 -3.04 9.91 5.67
CA ALA B 270 -4.47 9.59 5.69
C ALA B 270 -4.74 8.44 6.66
N LEU B 271 -5.80 8.57 7.46
CA LEU B 271 -6.14 7.56 8.46
C LEU B 271 -7.53 6.98 8.13
N ASN B 272 -7.57 5.68 7.87
CA ASN B 272 -8.79 5.01 7.40
C ASN B 272 -9.21 3.92 8.37
N CYS B 273 -10.44 4.03 8.89
CA CYS B 273 -11.06 2.97 9.68
C CYS B 273 -12.44 2.56 9.16
N VAL B 274 -12.78 2.94 7.93
CA VAL B 274 -14.09 2.68 7.35
C VAL B 274 -13.99 1.71 6.18
N GLY B 275 -13.11 1.99 5.23
CA GLY B 275 -13.07 1.23 3.99
C GLY B 275 -14.07 1.78 2.98
N GLY B 276 -14.20 1.07 1.86
CA GLY B 276 -15.17 1.44 0.87
C GLY B 276 -14.87 2.77 0.18
N LYS B 277 -15.94 3.46 -0.22
CA LYS B 277 -15.81 4.75 -0.92
C LYS B 277 -15.07 5.76 -0.07
N SER B 278 -15.27 5.70 1.25
CA SER B 278 -14.63 6.63 2.16
C SER B 278 -13.11 6.55 2.07
N SER B 279 -12.54 5.33 2.01
CA SER B 279 -11.08 5.19 1.94
C SER B 279 -10.53 5.71 0.61
N THR B 280 -11.27 5.53 -0.47
CA THR B 280 -10.87 6.10 -1.75
C THR B 280 -10.88 7.63 -1.70
N GLY B 281 -11.89 8.21 -1.08
CA GLY B 281 -12.04 9.66 -1.08
C GLY B 281 -10.91 10.38 -0.38
N ILE B 282 -10.54 9.91 0.83
CA ILE B 282 -9.50 10.59 1.58
C ILE B 282 -8.13 10.34 0.95
N ALA B 283 -7.97 9.24 0.21
CA ALA B 283 -6.69 9.00 -0.48
C ALA B 283 -6.47 9.97 -1.63
N ARG B 284 -7.52 10.27 -2.40
CA ARG B 284 -7.40 11.18 -3.54
C ARG B 284 -6.96 12.57 -3.11
N LYS B 285 -7.25 12.94 -1.87
CA LYS B 285 -6.99 14.28 -1.38
C LYS B 285 -5.55 14.51 -0.90
N LEU B 286 -4.72 13.47 -0.85
CA LEU B 286 -3.35 13.65 -0.42
C LEU B 286 -2.52 14.28 -1.54
N ASN B 287 -1.46 14.96 -1.16
CA ASN B 287 -0.48 15.36 -2.15
C ASN B 287 0.25 14.11 -2.64
N ASN B 288 1.10 14.31 -3.65
CA ASN B 288 1.94 13.22 -4.15
C ASN B 288 2.82 12.66 -3.03
N ASN B 289 3.13 11.36 -3.13
CA ASN B 289 3.92 10.64 -2.12
C ASN B 289 3.20 10.57 -0.78
N GLY B 290 1.86 10.45 -0.83
CA GLY B 290 1.09 10.34 0.38
C GLY B 290 1.10 8.93 0.92
N LEU B 291 0.74 8.81 2.20
CA LEU B 291 0.63 7.52 2.86
C LEU B 291 -0.71 7.43 3.58
N MET B 292 -1.35 6.26 3.48
CA MET B 292 -2.59 5.97 4.19
C MET B 292 -2.36 4.77 5.10
N LEU B 293 -2.79 4.89 6.36
CA LEU B 293 -2.76 3.80 7.33
C LEU B 293 -4.17 3.28 7.57
N THR B 294 -4.41 2.01 7.24
CA THR B 294 -5.68 1.34 7.50
C THR B 294 -5.59 0.64 8.86
N TYR B 295 -6.46 1.05 9.79
CA TYR B 295 -6.54 0.46 11.10
C TYR B 295 -7.95 -0.03 11.44
N GLY B 296 -8.89 0.05 10.51
CA GLY B 296 -10.25 -0.38 10.79
C GLY B 296 -11.04 -0.56 9.52
N GLY B 297 -12.18 -1.25 9.66
CA GLY B 297 -13.09 -1.48 8.56
C GLY B 297 -14.54 -1.50 8.98
N MET B 298 -15.01 -0.41 9.59
CA MET B 298 -16.37 -0.37 10.11
C MET B 298 -17.42 -0.65 9.03
N SER B 299 -17.13 -0.32 7.77
CA SER B 299 -18.15 -0.48 6.72
C SER B 299 -18.22 -1.88 6.15
N PHE B 300 -17.27 -2.76 6.49
CA PHE B 300 -17.14 -4.12 5.96
C PHE B 300 -16.82 -4.16 4.47
N GLN B 301 -16.47 -3.05 3.88
CA GLN B 301 -16.05 -2.97 2.49
C GLN B 301 -14.53 -2.97 2.41
N PRO B 302 -13.92 -3.62 1.42
CA PRO B 302 -12.45 -3.56 1.29
C PRO B 302 -11.97 -2.18 0.87
N VAL B 303 -10.66 -2.00 0.91
CA VAL B 303 -10.03 -0.77 0.45
C VAL B 303 -9.88 -0.84 -1.08
N THR B 304 -10.31 0.23 -1.75
CA THR B 304 -10.34 0.30 -3.21
C THR B 304 -9.58 1.53 -3.68
N ILE B 305 -8.50 1.32 -4.41
CA ILE B 305 -7.64 2.44 -4.85
C ILE B 305 -7.47 2.37 -6.36
N PRO B 306 -7.76 3.44 -7.09
CA PRO B 306 -7.50 3.47 -8.52
C PRO B 306 -6.01 3.26 -8.84
N THR B 307 -5.76 2.56 -9.95
CA THR B 307 -4.40 2.29 -10.40
C THR B 307 -3.61 3.58 -10.61
N SER B 308 -4.27 4.65 -11.04
CA SER B 308 -3.56 5.88 -11.39
C SER B 308 -2.96 6.57 -10.17
N LEU B 309 -3.53 6.36 -8.98
CA LEU B 309 -2.91 6.95 -7.79
C LEU B 309 -1.56 6.31 -7.48
N TYR B 310 -1.46 4.99 -7.61
CA TYR B 310 -0.22 4.31 -7.30
C TYR B 310 0.89 4.72 -8.27
N ILE B 311 0.59 4.70 -9.58
CA ILE B 311 1.63 4.90 -10.59
C ILE B 311 2.01 6.37 -10.70
N PHE B 312 1.05 7.22 -11.08
CA PHE B 312 1.32 8.62 -11.40
C PHE B 312 1.47 9.53 -10.19
N LYS B 313 0.94 9.16 -9.03
CA LYS B 313 1.02 10.00 -7.84
C LYS B 313 1.85 9.38 -6.71
N ASN B 314 2.44 8.21 -6.94
CA ASN B 314 3.30 7.53 -5.96
C ASN B 314 2.62 7.40 -4.60
N PHE B 315 1.35 7.05 -4.61
CA PHE B 315 0.59 6.84 -3.39
C PHE B 315 0.98 5.50 -2.76
N THR B 316 1.01 5.45 -1.42
CA THR B 316 1.31 4.21 -0.69
C THR B 316 0.19 3.92 0.32
N SER B 317 -0.15 2.64 0.45
CA SER B 317 -1.23 2.18 1.31
C SER B 317 -0.71 1.07 2.22
N ALA B 318 -0.78 1.28 3.54
CA ALA B 318 -0.21 0.35 4.49
C ALA B 318 -1.20 0.08 5.64
N GLY B 319 -0.78 -0.77 6.56
CA GLY B 319 -1.61 -1.14 7.70
C GLY B 319 -1.06 -0.70 9.05
N PHE B 320 -1.93 -0.68 10.07
CA PHE B 320 -1.54 -0.40 11.44
C PHE B 320 -2.24 -1.36 12.39
N TRP B 321 -1.49 -1.96 13.30
CA TRP B 321 -2.04 -2.85 14.33
C TRP B 321 -1.22 -2.66 15.59
N VAL B 322 -1.80 -1.98 16.59
CA VAL B 322 -1.03 -1.61 17.78
C VAL B 322 -0.61 -2.83 18.58
N THR B 323 -1.43 -3.87 18.62
CA THR B 323 -1.09 -5.08 19.36
C THR B 323 0.21 -5.68 18.83
N GLU B 324 0.39 -5.65 17.52
CA GLU B 324 1.56 -6.24 16.90
C GLU B 324 2.76 -5.31 16.96
N LEU B 325 2.54 -4.00 16.98
CA LEU B 325 3.65 -3.06 17.00
C LEU B 325 4.35 -3.00 18.35
N LEU B 326 3.62 -3.20 19.45
CA LEU B 326 4.17 -3.07 20.79
C LEU B 326 4.56 -4.40 21.43
N LYS B 327 4.47 -5.52 20.71
CA LYS B 327 4.77 -6.83 21.29
C LYS B 327 6.13 -6.89 21.96
N ASN B 328 7.19 -6.57 21.21
CA ASN B 328 8.53 -6.50 21.80
C ASN B 328 9.08 -5.10 21.62
N ASN B 329 8.37 -4.11 22.15
CA ASN B 329 8.88 -2.76 22.18
C ASN B 329 8.29 -2.09 23.42
N LYS B 330 8.68 -2.61 24.58
CA LYS B 330 8.26 -2.03 25.85
C LYS B 330 8.60 -0.55 25.94
N GLU B 331 9.76 -0.15 25.39
CA GLU B 331 10.20 1.25 25.49
C GLU B 331 9.23 2.17 24.77
N LEU B 332 8.81 1.78 23.57
CA LEU B 332 7.89 2.64 22.83
C LEU B 332 6.53 2.69 23.50
N LYS B 333 6.09 1.56 24.08
CA LYS B 333 4.83 1.57 24.81
C LYS B 333 4.91 2.46 26.05
N THR B 334 6.01 2.37 26.81
CA THR B 334 6.13 3.13 28.05
C THR B 334 6.14 4.62 27.80
N SER B 335 6.98 5.10 26.88
CA SER B 335 7.08 6.53 26.72
C SER B 335 5.80 7.11 26.13
N THR B 336 5.13 6.38 25.21
CA THR B 336 3.85 6.86 24.71
C THR B 336 2.82 6.93 25.83
N LEU B 337 2.78 5.92 26.69
CA LEU B 337 1.83 5.93 27.79
C LEU B 337 2.12 7.08 28.77
N ASN B 338 3.40 7.33 29.08
CA ASN B 338 3.74 8.44 29.97
C ASN B 338 3.28 9.78 29.41
N GLN B 339 3.32 9.97 28.09
CA GLN B 339 2.90 11.24 27.53
C GLN B 339 1.40 11.45 27.70
N ILE B 340 0.61 10.38 27.49
CA ILE B 340 -0.83 10.47 27.68
C ILE B 340 -1.16 10.76 29.14
N ILE B 341 -0.50 10.08 30.07
CA ILE B 341 -0.75 10.34 31.49
C ILE B 341 -0.45 11.79 31.82
N ALA B 342 0.65 12.31 31.29
CA ALA B 342 1.04 13.66 31.60
C ALA B 342 0.01 14.66 31.08
N TRP B 343 -0.54 14.41 29.90
CA TRP B 343 -1.57 15.29 29.34
C TRP B 343 -2.85 15.24 30.16
N TYR B 344 -3.22 14.08 30.69
CA TYR B 344 -4.39 13.99 31.56
C TYR B 344 -4.16 14.73 32.87
N GLU B 345 -2.98 14.58 33.47
CA GLU B 345 -2.72 15.18 34.77
C GLU B 345 -2.71 16.71 34.71
N GLU B 346 -2.34 17.29 33.57
CA GLU B 346 -2.34 18.73 33.39
C GLU B 346 -3.64 19.30 32.83
N GLY B 347 -4.64 18.46 32.54
CA GLY B 347 -5.91 18.91 31.99
C GLY B 347 -5.92 19.28 30.52
N LYS B 348 -4.87 18.95 29.77
CA LYS B 348 -4.78 19.30 28.36
C LYS B 348 -5.44 18.29 27.45
N LEU B 349 -5.74 17.10 27.95
CA LEU B 349 -6.37 16.04 27.18
C LEU B 349 -7.62 15.60 27.91
N THR B 350 -8.70 15.40 27.17
CA THR B 350 -9.94 14.91 27.74
C THR B 350 -10.28 13.56 27.12
N ASP B 351 -11.03 12.76 27.86
CA ASP B 351 -11.37 11.41 27.40
C ASP B 351 -12.59 11.41 26.51
N ALA B 352 -12.65 10.41 25.63
CA ALA B 352 -13.90 10.06 24.94
C ALA B 352 -14.86 9.51 25.98
N LYS B 353 -15.99 10.17 26.16
CA LYS B 353 -16.90 9.80 27.24
C LYS B 353 -17.51 8.42 27.00
N SER B 354 -17.89 7.77 28.11
CA SER B 354 -18.51 6.47 28.07
C SER B 354 -19.88 6.53 28.71
N ILE B 355 -20.73 5.59 28.30
CA ILE B 355 -21.97 5.30 28.98
C ILE B 355 -21.69 4.20 29.99
N GLU B 356 -21.90 4.48 31.27
CA GLU B 356 -21.45 3.60 32.34
C GLU B 356 -22.60 2.78 32.88
N THR B 357 -22.29 1.55 33.28
CA THR B 357 -23.25 0.66 33.91
C THR B 357 -22.58 -0.01 35.09
N LEU B 358 -23.19 0.15 36.26
CA LEU B 358 -22.63 -0.37 37.48
C LEU B 358 -23.14 -1.79 37.76
N TYR B 359 -22.21 -2.71 38.01
CA TYR B 359 -22.53 -4.06 38.45
C TYR B 359 -22.75 -4.07 39.95
N ASP B 360 -23.91 -4.52 40.39
CA ASP B 360 -24.23 -4.57 41.82
C ASP B 360 -24.75 -5.91 42.30
N GLY B 361 -24.78 -6.95 41.45
CA GLY B 361 -25.14 -8.28 41.87
C GLY B 361 -26.58 -8.68 41.63
N THR B 362 -27.44 -7.74 41.24
CA THR B 362 -28.84 -8.06 40.97
C THR B 362 -29.08 -8.58 39.56
N LYS B 363 -28.02 -8.75 38.77
CA LYS B 363 -28.14 -9.10 37.36
C LYS B 363 -26.82 -9.72 36.90
N PRO B 364 -26.85 -10.92 36.32
CA PRO B 364 -25.59 -11.62 36.02
C PRO B 364 -24.60 -10.73 35.27
N LEU B 365 -23.32 -10.88 35.60
CA LEU B 365 -22.31 -10.02 35.02
C LEU B 365 -22.28 -10.13 33.50
N HIS B 366 -22.45 -11.33 32.95
CA HIS B 366 -22.35 -11.49 31.52
C HIS B 366 -23.47 -10.77 30.78
N GLU B 367 -24.61 -10.50 31.42
CA GLU B 367 -25.68 -9.76 30.77
C GLU B 367 -25.43 -8.27 30.71
N LEU B 368 -24.61 -7.71 31.62
CA LEU B 368 -24.24 -6.31 31.47
C LEU B 368 -23.36 -6.10 30.24
N TYR B 369 -22.46 -7.04 30.00
CA TYR B 369 -21.59 -6.96 28.82
C TYR B 369 -22.33 -7.30 27.53
N GLN B 370 -23.35 -8.16 27.60
CA GLN B 370 -24.17 -8.40 26.43
C GLN B 370 -24.96 -7.14 26.06
N ASP B 371 -25.45 -6.41 27.05
CA ASP B 371 -26.12 -5.13 26.78
C ASP B 371 -25.14 -4.11 26.21
N GLY B 372 -23.90 -4.08 26.73
CA GLY B 372 -22.92 -3.17 26.19
C GLY B 372 -22.60 -3.45 24.74
N VAL B 373 -22.53 -4.74 24.37
CA VAL B 373 -22.31 -5.10 22.97
C VAL B 373 -23.45 -4.61 22.10
N ALA B 374 -24.69 -4.89 22.53
CA ALA B 374 -25.86 -4.56 21.74
C ALA B 374 -26.08 -3.05 21.61
N ASN B 375 -25.60 -2.26 22.58
CA ASN B 375 -25.80 -0.81 22.55
C ASN B 375 -24.53 -0.05 22.16
N SER B 376 -23.56 -0.71 21.56
CA SER B 376 -22.33 0.00 21.18
C SER B 376 -22.61 1.04 20.11
N LYS B 377 -23.73 0.90 19.39
CA LYS B 377 -24.11 1.86 18.39
C LYS B 377 -24.44 3.22 19.00
N ASP B 378 -24.76 3.25 20.29
CA ASP B 378 -24.98 4.50 21.04
C ASP B 378 -23.68 5.14 21.52
N GLY B 379 -22.54 4.50 21.33
CA GLY B 379 -21.28 5.02 21.82
C GLY B 379 -20.62 4.07 22.82
N LYS B 380 -19.35 4.37 23.08
CA LYS B 380 -18.51 3.53 23.94
C LYS B 380 -19.21 3.20 25.26
N GLN B 381 -19.20 1.92 25.62
CA GLN B 381 -19.80 1.40 26.84
C GLN B 381 -18.70 0.98 27.83
N LEU B 382 -18.93 1.29 29.11
CA LEU B 382 -18.03 0.98 30.22
C LEU B 382 -18.82 0.30 31.33
N ILE B 383 -18.33 -0.84 31.83
CA ILE B 383 -18.91 -1.49 33.00
C ILE B 383 -18.04 -1.15 34.20
N THR B 384 -18.68 -0.65 35.26
CA THR B 384 -17.99 -0.25 36.48
C THR B 384 -18.39 -1.14 37.64
N TYR B 385 -17.54 -1.14 38.66
CA TYR B 385 -17.76 -2.02 39.80
C TYR B 385 -17.77 -1.21 41.09
PA NAP C . 1.66 -6.76 -23.59
O1A NAP C . 2.91 -7.45 -24.07
O2A NAP C . 0.80 -6.40 -24.78
O5B NAP C . 0.84 -7.75 -22.63
C5B NAP C . -0.51 -7.45 -22.29
C4B NAP C . -0.91 -8.34 -21.13
O4B NAP C . -2.19 -7.98 -20.57
C3B NAP C . -1.06 -9.80 -21.53
O3B NAP C . -0.40 -10.54 -20.51
C2B NAP C . -2.56 -10.05 -21.56
O2B NAP C . -2.90 -11.40 -21.28
C1B NAP C . -3.00 -9.16 -20.43
N9A NAP C . -4.40 -8.73 -20.40
C8A NAP C . -4.98 -7.90 -21.27
N7A NAP C . -6.27 -7.66 -20.93
C5A NAP C . -6.51 -8.35 -19.80
C6A NAP C . -7.69 -8.51 -18.92
N6A NAP C . -8.85 -7.87 -19.22
N1A NAP C . -7.52 -9.30 -17.83
C2A NAP C . -6.35 -9.93 -17.55
N3A NAP C . -5.26 -9.81 -18.32
C4A NAP C . -5.28 -9.04 -19.43
O3 NAP C . 1.97 -5.40 -22.78
PN NAP C . 3.34 -4.98 -21.99
O1N NAP C . 4.12 -4.01 -22.85
O2N NAP C . 4.16 -6.19 -21.60
O5D NAP C . 2.93 -4.20 -20.65
C5D NAP C . 2.24 -4.91 -19.61
C4D NAP C . 1.79 -3.92 -18.54
O4D NAP C . 2.91 -3.17 -18.05
C3D NAP C . 0.85 -2.89 -19.14
O3D NAP C . -0.27 -2.69 -18.28
C2D NAP C . 1.70 -1.65 -19.31
O2D NAP C . 0.87 -0.47 -19.26
C1D NAP C . 2.63 -1.77 -18.13
N1N NAP C . 3.88 -1.00 -18.22
C2N NAP C . 4.18 -0.24 -17.18
C3N NAP C . 5.32 0.55 -17.08
C7N NAP C . 5.56 1.38 -15.84
O7N NAP C . 6.64 1.93 -15.70
N7N NAP C . 4.68 1.52 -14.87
C4N NAP C . 6.21 0.55 -18.14
C5N NAP C . 5.97 -0.23 -19.26
C6N NAP C . 4.78 -1.08 -19.38
P2B NAP C . -3.41 -12.42 -22.40
O1X NAP C . -4.35 -13.38 -21.72
O2X NAP C . -4.14 -11.59 -23.45
O3X NAP C . -2.26 -13.15 -23.03
S SO4 D . 13.86 11.39 -19.08
O1 SO4 D . 14.41 12.73 -18.71
O2 SO4 D . 12.98 10.92 -17.99
O3 SO4 D . 13.09 11.51 -20.34
O4 SO4 D . 14.97 10.42 -19.27
S SO4 E . -13.55 -22.49 -3.96
O1 SO4 E . -12.66 -23.11 -2.96
O2 SO4 E . -14.95 -22.76 -3.58
O3 SO4 E . -13.31 -21.02 -3.99
O4 SO4 E . -13.26 -23.07 -5.30
S SO4 F . -1.33 -25.73 -13.82
O1 SO4 F . -0.86 -25.13 -12.57
O2 SO4 F . -1.96 -27.04 -13.53
O3 SO4 F . -2.33 -24.85 -14.47
O4 SO4 F . -0.16 -25.92 -14.71
S SO4 G . 32.54 0.18 -30.67
O1 SO4 G . 33.51 0.95 -29.85
O2 SO4 G . 31.41 -0.28 -29.83
O3 SO4 G . 32.02 1.03 -31.77
O4 SO4 G . 33.22 -1.00 -31.25
S SO4 H . -6.57 18.84 -26.72
O1 SO4 H . -5.10 18.97 -26.52
O2 SO4 H . -7.22 18.70 -25.41
O3 SO4 H . -7.08 20.02 -27.43
O4 SO4 H . -6.84 17.63 -27.55
S SO4 I . -1.02 -17.50 -26.65
O1 SO4 I . 0.02 -17.02 -25.71
O2 SO4 I . -1.86 -18.52 -25.99
O3 SO4 I . -1.87 -16.35 -27.06
O4 SO4 I . -0.37 -18.08 -27.85
S SO4 J . 8.41 -31.19 6.88
O1 SO4 J . 8.66 -31.41 8.32
O2 SO4 J . 6.96 -30.97 6.68
O3 SO4 J . 9.17 -30.00 6.42
O4 SO4 J . 8.86 -32.38 6.13
S SO4 K . 3.81 -15.86 7.59
O1 SO4 K . 3.77 -14.39 7.46
O2 SO4 K . 3.33 -16.27 8.92
O3 SO4 K . 2.94 -16.48 6.55
O4 SO4 K . 5.22 -16.31 7.42
C13 COO L . -4.76 3.30 -16.95
C11 COO L . -5.92 4.12 -16.40
C14 COO L . -5.33 5.30 -15.65
C12 COO L . -6.74 3.23 -15.46
O6A COO L . -7.73 4.02 -14.77
P2A COO L . -7.74 4.15 -13.16
O4A COO L . -6.39 4.66 -12.70
O5A COO L . -8.02 2.80 -12.54
O3A COO L . -8.88 5.21 -12.70
P1A COO L . -8.90 6.77 -13.15
O2A COO L . -7.62 7.10 -13.88
O1A COO L . -9.03 7.66 -11.93
O5X COO L . -10.09 6.97 -14.06
O1 COO L . -3.77 4.19 -17.47
C1 COO L . -5.12 2.30 -18.02
O2 COO L . -5.53 2.67 -19.11
N1 COO L . -4.83 1.03 -17.77
C2 COO L . -4.72 0.08 -18.86
C3 COO L . -3.37 0.33 -19.54
C4 COO L . -2.25 0.47 -18.53
O3 COO L . -1.89 -0.48 -17.87
N2 COO L . -1.67 1.67 -18.38
C5 COO L . -0.56 1.88 -17.48
C6 COO L . 0.31 3.05 -17.99
S1 COO L . 1.95 3.02 -17.30
C7 COO L . 3.12 2.73 -18.46
O4 COO L . 2.91 1.93 -19.37
C8 COO L . 4.40 3.45 -18.39
C9 COO L . 5.31 3.25 -19.33
C10 COO L . 6.64 3.99 -19.31
C15 COO L . -6.81 4.67 -17.51
CL CL M . 24.62 -11.82 -36.37
PA NAP N . -16.27 3.58 18.57
O1A NAP N . -15.94 4.51 19.72
O2A NAP N . -17.42 2.68 18.94
O5B NAP N . -16.64 4.42 17.27
C5B NAP N . -17.09 3.80 16.07
C4B NAP N . -17.56 4.86 15.06
O4B NAP N . -17.60 4.34 13.72
C3B NAP N . -18.96 5.36 15.34
O3B NAP N . -18.89 6.59 16.07
C2B NAP N . -19.62 5.54 13.99
O2B NAP N . -19.88 6.89 13.65
C1B NAP N . -18.60 5.06 12.99
N9A NAP N . -19.24 4.16 12.03
C8A NAP N . -19.91 3.03 12.29
N7A NAP N . -20.33 2.45 11.14
C5A NAP N . -19.92 3.24 10.14
C6A NAP N . -20.03 3.21 8.67
N6A NAP N . -20.70 2.19 8.07
N1A NAP N . -19.45 4.21 8.00
C2A NAP N . -18.80 5.23 8.60
N3A NAP N . -18.66 5.32 9.93
C4A NAP N . -19.19 4.37 10.72
O3 NAP N . -15.03 2.60 18.24
PN NAP N . -13.46 2.89 18.48
O1N NAP N . -13.03 2.21 19.76
O2N NAP N . -13.18 4.39 18.45
O5D NAP N . -12.69 2.20 17.26
C5D NAP N . -12.80 2.80 15.97
C4D NAP N . -11.99 1.98 14.98
O4D NAP N . -10.63 1.82 15.43
C3D NAP N . -12.56 0.57 14.85
O3D NAP N . -12.54 0.23 13.45
C2D NAP N . -11.61 -0.27 15.69
O2D NAP N . -11.60 -1.65 15.33
C1D NAP N . -10.31 0.44 15.38
N1N NAP N . -9.21 0.11 16.28
C2N NAP N . -8.08 -0.33 15.72
C3N NAP N . -6.95 -0.67 16.45
C7N NAP N . -5.71 -1.17 15.75
O7N NAP N . -4.72 -1.32 16.43
N7N NAP N . -5.66 -1.45 14.45
C4N NAP N . -6.98 -0.55 17.84
C5N NAP N . -8.12 -0.08 18.46
C6N NAP N . -9.33 0.29 17.73
P2B NAP N . -21.35 7.50 13.66
O1X NAP N . -21.58 8.09 12.29
O2X NAP N . -22.35 6.39 13.95
O3X NAP N . -21.38 8.54 14.75
S SO4 O . -14.45 -23.04 18.59
O1 SO4 O . -13.71 -22.49 19.75
O2 SO4 O . -15.67 -22.24 18.34
O3 SO4 O . -14.88 -24.43 18.89
O4 SO4 O . -13.58 -23.00 17.39
S SO4 P . -19.43 21.43 6.46
O1 SO4 P . -20.37 20.28 6.47
O2 SO4 P . -19.18 21.93 7.83
O3 SO4 P . -20.00 22.52 5.64
O4 SO4 P . -18.15 21.01 5.86
S SO4 Q . -25.11 12.61 17.19
O1 SO4 Q . -23.89 12.97 17.96
O2 SO4 Q . -26.30 12.98 17.99
O3 SO4 Q . -25.15 13.33 15.90
O4 SO4 Q . -25.11 11.13 16.95
S SO4 R . -25.19 2.09 10.64
O1 SO4 R . -24.74 3.16 11.56
O2 SO4 R . -26.09 1.17 11.36
O3 SO4 R . -25.94 2.69 9.51
O4 SO4 R . -24.01 1.36 10.14
S SO4 S . 2.04 17.76 -5.29
O1 SO4 S . 2.40 19.01 -4.60
O2 SO4 S . 2.15 16.63 -4.33
O3 SO4 S . 2.98 17.55 -6.41
O4 SO4 S . 0.64 17.82 -5.79
C13 COO T . -12.69 -6.99 11.01
C11 COO T . -12.17 -6.88 9.57
C14 COO T . -12.66 -5.57 8.96
C12 COO T . -12.62 -8.06 8.68
O6A COO T . -11.64 -8.39 7.67
P2A COO T . -11.94 -8.54 6.07
O4A COO T . -13.42 -8.83 5.85
O5A COO T . -11.58 -7.23 5.40
O3A COO T . -11.04 -9.71 5.39
P1A COO T . -11.47 -11.27 5.16
O2A COO T . -11.67 -11.93 6.50
O1A COO T . -10.37 -11.97 4.42
O5X COO T . -12.74 -11.33 4.35
O1 COO T . -11.98 -8.06 11.66
C1 COO T . -14.17 -7.24 11.09
O2 COO T . -14.60 -8.35 10.80
N1 COO T . -15.04 -6.27 11.49
C2 COO T . -14.71 -4.86 11.74
C3 COO T . -13.92 -4.51 13.01
C4 COO T . -12.87 -3.55 12.53
O3 COO T . -13.25 -2.56 11.95
N2 COO T . -11.57 -3.72 12.72
C5 COO T . -10.88 -4.68 13.55
C6 COO T . -9.59 -3.92 13.88
S1 COO T . -8.50 -4.64 15.08
C7 COO T . -8.57 -3.84 16.54
O4 COO T . -9.57 -3.19 16.86
C8 COO T . -7.43 -3.97 17.48
C9 COO T . -7.48 -3.46 18.71
C10 COO T . -6.30 -3.61 19.65
C15 COO T . -10.65 -6.84 9.69
#